data_8Y5G
#
_entry.id   8Y5G
#
_cell.length_a   1.00
_cell.length_b   1.00
_cell.length_c   1.00
_cell.angle_alpha   90.00
_cell.angle_beta   90.00
_cell.angle_gamma   90.00
#
_symmetry.space_group_name_H-M   'P 1'
#
loop_
_entity.id
_entity.type
_entity.pdbx_description
1 polymer 'Spermidine/putrescine import ATP-binding protein PotA'
2 polymer 'Spermidine/putrescine ABC transporter permease PotB'
3 polymer 'Spermidine/putrescine transport system permease protein PotC'
4 polymer 'Spermidine/putrescine import ATP-binding protein PotA'
5 non-polymer 'MAGNESIUM ION'
6 non-polymer SPERMIDINE
#
loop_
_entity_poly.entity_id
_entity_poly.type
_entity_poly.pdbx_seq_one_letter_code
_entity_poly.pdbx_strand_id
1 'polypeptide(L)'
;SPLVQLAGIRKCFDGKEVIPQLDLTINNGEFLTLLGPSGCGKTTVLRLIAGLETVDSGRIMLDNEDITHVPAENRYVNTV
FQSYALFPHMTVFENVAFGLRMQKTPAAEITPRVMEALRMVQLETFAQRKPHQLSGGQQQRVAIARAVVNKPRLLLLDQS
LSALDYKLRKQMQNELKALQRKLGITFVFVTHDQEEALTMSDRIVVMRDGRIEQDGTPREIYEEPKNLFVAGFIGEINMF
NATVIERLDEQRVRANVEGRECNIYVNFAVEPGQKLHVLLRPEDLRVEEINDDNHAEGLIGYVRERNYKGMTLESVVELE
NGKMVMVSEFFNEDDPDFDHSLDQKMAINWVESWEVVLAD
;
A
2 'polypeptide(L)'
;FQNVVIVTIVGWLVLFVFLPNLMIIGTSFLTRDDASFVKMVFTLDNYTRLLDPLYFEVLLHSLNMALIATLACLVLGYPF
AWFLAKLPHKVRPLLLFLLIVPFWTNSLIRIYGLKIFLSTKGYLNEFLLWLGVIDTPIRIMFTPSAVIIGLVYILLPFMV
MPLYSSIEKLDKPLLEAARDLGASKLQTFIRIIIPLTMPGIIAGCLLVMLPAMGLFYVSDLMGGAKNLLIGNVIKVQFLN
IRDWPFGAATSITLTIVMGLMLLVYWRASRLLN
;
B
3 'polypeptide(L)'
;LLRGGFMTAIYAYLYIPIIILIVNSFNSSRFGINWQGFTTKWYSLLMNNDSLLQAAQHSLTMAVFSATFATLIGSLTAVA
LYRYRFRGKPFVSGMLFVVMMSPDIVMAISLLVLFMLLGIQLGFWSLLFSHITFCLPFVVVTVYSRLKGFDVRMLEAAKD
LGASEFTILRKIILPLAMPAVAAGWVLSFTLSMDDVVVSSFVTGPSYEILPLKIYSMVKVGVSPEVNALATILLVLSLVM
VIASQLIAR
;
C
4 'polypeptide(L)'
;PLVQLAGIRKCFDGKEVIPQLDLTINNGEFLTLLGPSGCGKTTVLRLIAGLETVDSGRIMLDNEDITHVPAENRYVNTVF
QSYALFPHMTVFENVAFGLRMQKTPAAEITPRVMEALRMVQLETFAQRKPHQLSGGQQQRVAIARAVVNKPRLLLLDQSL
SALDYKLRKQMQNELKALQRKLGITFVFVTHDQEEALTMSDRIVVMRDGRIEQDGTPREIYEEPKNLFVAGFIGEINMFN
ATVIERLDEQRVRANVEGRECNIYVNFAVEPGQKLHVLLRPEDLRVEEINDDNHAEGLIGYVRERNYKGMTLESVVELEN
GKMVMVSEFFNEDDPDFDHSLDQKMAINWVESWEVVLA
;
D
#
# COMPACT_ATOMS: atom_id res chain seq x y z
N SER A 1 31.94 18.51 24.62
CA SER A 1 30.75 19.11 25.21
C SER A 1 29.52 18.24 24.97
N PRO A 2 29.06 17.55 26.02
CA PRO A 2 27.91 16.66 25.85
C PRO A 2 26.63 17.43 25.60
N LEU A 3 25.75 16.83 24.80
CA LEU A 3 24.45 17.41 24.49
C LEU A 3 23.31 16.55 25.02
N VAL A 4 23.27 15.27 24.67
CA VAL A 4 22.27 14.34 25.17
C VAL A 4 22.99 13.23 25.92
N GLN A 5 22.56 12.97 27.15
CA GLN A 5 23.17 11.96 28.00
C GLN A 5 22.09 11.00 28.45
N LEU A 6 22.10 9.79 27.91
CA LEU A 6 21.14 8.75 28.27
C LEU A 6 21.78 7.82 29.29
N ALA A 7 21.14 7.69 30.46
CA ALA A 7 21.67 6.89 31.54
C ALA A 7 20.61 5.91 32.01
N GLY A 8 20.91 4.61 31.91
CA GLY A 8 20.00 3.59 32.37
C GLY A 8 18.65 3.57 31.71
N ILE A 9 18.60 3.76 30.39
CA ILE A 9 17.33 3.79 29.68
C ILE A 9 16.81 2.36 29.54
N ARG A 10 15.56 2.15 29.95
CA ARG A 10 14.89 0.88 29.77
C ARG A 10 13.50 1.11 29.20
N LYS A 11 13.00 0.14 28.44
CA LYS A 11 11.66 0.23 27.87
C LYS A 11 11.15 -1.17 27.55
N CYS A 12 9.93 -1.45 27.96
CA CYS A 12 9.28 -2.74 27.72
C CYS A 12 7.96 -2.50 26.99
N PHE A 13 7.72 -3.24 25.92
CA PHE A 13 6.50 -3.12 25.14
C PHE A 13 5.87 -4.48 24.94
N ASP A 14 4.62 -4.63 25.39
CA ASP A 14 3.87 -5.89 25.28
C ASP A 14 4.68 -7.09 25.78
N GLY A 15 5.25 -6.95 26.97
CA GLY A 15 6.04 -8.01 27.57
C GLY A 15 7.30 -8.33 26.79
N LYS A 16 7.98 -7.29 26.31
CA LYS A 16 9.21 -7.47 25.55
C LYS A 16 10.22 -6.37 25.87
N GLU A 17 11.41 -6.79 26.30
CA GLU A 17 12.47 -5.84 26.64
C GLU A 17 13.19 -5.33 25.39
N VAL A 18 12.63 -4.32 24.76
CA VAL A 18 13.21 -3.74 23.55
C VAL A 18 14.58 -3.14 23.85
N ILE A 19 14.70 -2.39 24.94
CA ILE A 19 15.94 -1.76 25.35
C ILE A 19 16.28 -2.24 26.75
N PRO A 20 17.16 -3.23 26.89
CA PRO A 20 17.53 -3.71 28.22
C PRO A 20 18.16 -2.63 29.10
N GLN A 21 19.27 -2.06 28.66
CA GLN A 21 19.96 -1.01 29.40
C GLN A 21 20.94 -0.33 28.47
N LEU A 22 20.86 0.99 28.37
CA LEU A 22 21.61 1.74 27.38
C LEU A 22 22.31 2.92 28.03
N ASP A 23 23.59 3.09 27.72
CA ASP A 23 24.37 4.26 28.12
C ASP A 23 24.99 4.87 26.87
N LEU A 24 24.67 6.12 26.61
CA LEU A 24 25.09 6.77 25.37
C LEU A 24 25.23 8.27 25.60
N THR A 25 26.20 8.87 24.92
CA THR A 25 26.43 10.31 24.98
C THR A 25 26.58 10.85 23.57
N ILE A 26 25.95 11.97 23.29
CA ILE A 26 25.99 12.61 21.98
C ILE A 26 26.65 13.97 22.13
N ASN A 27 27.71 14.21 21.36
CA ASN A 27 28.47 15.44 21.45
C ASN A 27 27.83 16.53 20.59
N ASN A 28 28.55 17.63 20.41
CA ASN A 28 28.05 18.80 19.71
C ASN A 28 28.78 18.97 18.39
N GLY A 29 28.02 19.08 17.31
CA GLY A 29 28.59 19.39 16.01
C GLY A 29 29.11 18.21 15.21
N GLU A 30 28.49 17.04 15.33
CA GLU A 30 28.93 15.86 14.61
C GLU A 30 27.75 15.20 13.89
N PHE A 31 28.10 14.23 13.04
CA PHE A 31 27.13 13.41 12.32
C PHE A 31 27.20 12.01 12.92
N LEU A 32 26.09 11.55 13.50
CA LEU A 32 26.03 10.27 14.17
C LEU A 32 25.05 9.37 13.46
N THR A 33 25.41 8.10 13.30
CA THR A 33 24.59 7.14 12.58
C THR A 33 24.38 5.90 13.44
N LEU A 34 23.12 5.49 13.58
CA LEU A 34 22.76 4.26 14.26
C LEU A 34 22.41 3.22 13.21
N LEU A 35 23.21 2.15 13.15
CA LEU A 35 23.13 1.17 12.08
C LEU A 35 23.03 -0.23 12.66
N GLY A 36 22.17 -1.05 12.06
CA GLY A 36 21.99 -2.42 12.50
C GLY A 36 20.95 -3.16 11.69
N PRO A 37 20.71 -4.42 12.05
CA PRO A 37 19.70 -5.20 11.34
C PRO A 37 18.29 -4.77 11.71
N SER A 38 17.32 -5.36 11.02
CA SER A 38 15.92 -5.01 11.26
C SER A 38 15.48 -5.50 12.63
N GLY A 39 14.86 -4.61 13.41
CA GLY A 39 14.34 -4.97 14.70
C GLY A 39 15.31 -4.86 15.86
N CYS A 40 16.41 -4.11 15.72
CA CYS A 40 17.35 -3.96 16.81
C CYS A 40 16.91 -2.94 17.85
N GLY A 41 16.05 -2.00 17.47
CA GLY A 41 15.53 -1.02 18.40
C GLY A 41 16.05 0.40 18.24
N LYS A 42 16.48 0.79 17.04
CA LYS A 42 16.96 2.16 16.83
C LYS A 42 15.80 3.16 16.89
N THR A 43 14.67 2.80 16.29
CA THR A 43 13.53 3.70 16.24
C THR A 43 13.01 4.00 17.64
N THR A 44 13.13 3.05 18.56
CA THR A 44 12.72 3.31 19.93
C THR A 44 13.58 4.38 20.58
N VAL A 45 14.91 4.30 20.37
CA VAL A 45 15.80 5.32 20.92
C VAL A 45 15.48 6.68 20.30
N LEU A 46 15.24 6.69 18.98
CA LEU A 46 14.93 7.95 18.31
C LEU A 46 13.65 8.57 18.86
N ARG A 47 12.62 7.75 19.06
CA ARG A 47 11.35 8.26 19.56
C ARG A 47 11.45 8.70 21.02
N LEU A 48 12.24 7.99 21.83
CA LEU A 48 12.46 8.42 23.20
C LEU A 48 13.15 9.77 23.26
N ILE A 49 14.14 9.99 22.40
CA ILE A 49 14.78 11.30 22.37
C ILE A 49 13.79 12.36 21.90
N ALA A 50 13.01 12.05 20.86
CA ALA A 50 12.07 13.02 20.32
C ALA A 50 10.92 13.32 21.27
N GLY A 51 10.59 12.39 22.17
CA GLY A 51 9.54 12.60 23.15
C GLY A 51 8.22 11.95 22.83
N LEU A 52 8.08 11.30 21.67
CA LEU A 52 6.85 10.63 21.30
C LEU A 52 6.63 9.33 22.05
N GLU A 53 7.61 8.88 22.82
CA GLU A 53 7.47 7.73 23.69
C GLU A 53 8.07 8.07 25.04
N THR A 54 7.58 7.40 26.08
CA THR A 54 7.99 7.66 27.45
C THR A 54 8.79 6.46 27.96
N VAL A 55 9.83 6.75 28.73
CA VAL A 55 10.71 5.71 29.23
C VAL A 55 10.14 5.10 30.49
N ASP A 56 10.22 3.77 30.60
CA ASP A 56 9.80 3.08 31.81
C ASP A 56 10.66 3.44 33.00
N SER A 57 11.97 3.52 32.82
CA SER A 57 12.88 3.90 33.90
C SER A 57 14.19 4.37 33.29
N GLY A 58 14.73 5.43 33.85
CA GLY A 58 15.98 6.02 33.40
C GLY A 58 15.91 7.54 33.39
N ARG A 59 16.99 8.14 32.89
CA ARG A 59 17.18 9.57 32.95
C ARG A 59 17.75 10.08 31.63
N ILE A 60 17.25 11.23 31.18
CA ILE A 60 17.67 11.85 29.92
C ILE A 60 17.99 13.31 30.18
N MET A 61 19.11 13.77 29.64
CA MET A 61 19.52 15.16 29.74
C MET A 61 19.62 15.80 28.37
N LEU A 62 19.39 17.11 28.30
CA LEU A 62 19.72 17.94 27.16
C LEU A 62 20.25 19.26 27.68
N ASP A 63 21.55 19.50 27.50
CA ASP A 63 22.22 20.70 27.99
C ASP A 63 22.08 20.81 29.51
N ASN A 64 22.33 19.70 30.20
CA ASN A 64 22.29 19.64 31.67
C ASN A 64 20.93 20.03 32.22
N GLU A 65 19.87 19.68 31.50
CA GLU A 65 18.50 19.87 31.95
C GLU A 65 17.74 18.57 31.76
N ASP A 66 16.96 18.18 32.76
CA ASP A 66 16.27 16.90 32.76
C ASP A 66 14.96 17.07 32.00
N ILE A 67 14.84 16.39 30.87
CA ILE A 67 13.61 16.41 30.08
C ILE A 67 12.98 15.03 30.03
N THR A 68 13.19 14.19 31.05
CA THR A 68 12.65 12.84 31.02
C THR A 68 11.14 12.83 30.93
N HIS A 69 10.47 13.80 31.56
CA HIS A 69 9.02 13.85 31.59
C HIS A 69 8.45 15.08 30.91
N VAL A 70 9.28 15.99 30.42
CA VAL A 70 8.79 17.14 29.65
C VAL A 70 8.15 16.63 28.37
N PRO A 71 6.93 17.08 28.03
CA PRO A 71 6.26 16.53 26.85
C PRO A 71 6.94 16.92 25.56
N ALA A 72 6.57 16.22 24.49
CA ALA A 72 7.20 16.41 23.20
C ALA A 72 6.62 17.61 22.47
N GLU A 73 6.54 18.74 23.15
CA GLU A 73 6.12 20.00 22.55
C GLU A 73 6.97 21.18 22.99
N ASN A 74 7.77 21.03 24.05
CA ASN A 74 8.63 22.11 24.53
C ASN A 74 10.10 21.80 24.36
N ARG A 75 10.46 20.57 24.01
CA ARG A 75 11.85 20.24 23.72
C ARG A 75 12.30 20.91 22.44
N TYR A 76 13.59 21.19 22.36
CA TYR A 76 14.20 21.75 21.15
C TYR A 76 14.79 20.64 20.28
N VAL A 77 13.94 19.68 19.92
CA VAL A 77 14.30 18.55 19.08
C VAL A 77 13.29 18.45 17.95
N ASN A 78 13.78 18.27 16.73
CA ASN A 78 12.93 18.19 15.54
C ASN A 78 13.24 16.91 14.78
N THR A 79 12.23 16.39 14.08
CA THR A 79 12.30 15.06 13.48
C THR A 79 11.90 15.10 12.02
N VAL A 80 12.54 14.25 11.23
CA VAL A 80 12.18 14.02 9.83
C VAL A 80 11.73 12.58 9.70
N PHE A 81 10.54 12.38 9.14
CA PHE A 81 9.88 11.07 9.14
C PHE A 81 10.16 10.33 7.85
N GLN A 82 9.87 9.02 7.88
CA GLN A 82 10.13 8.18 6.72
C GLN A 82 9.11 8.39 5.61
N SER A 83 7.84 8.56 5.97
CA SER A 83 6.78 8.76 4.99
C SER A 83 6.57 10.23 4.66
N TYR A 84 7.41 11.11 5.19
CA TYR A 84 7.50 12.55 4.99
C TYR A 84 6.39 13.32 5.72
N ALA A 85 5.38 12.64 6.26
CA ALA A 85 4.37 13.22 7.15
C ALA A 85 3.98 14.65 6.77
N LEU A 86 3.57 14.81 5.53
CA LEU A 86 3.25 16.11 4.98
C LEU A 86 1.74 16.36 5.02
N PHE A 87 1.37 17.60 5.34
CA PHE A 87 -0.04 18.00 5.33
C PHE A 87 -0.49 18.28 3.91
N PRO A 88 -1.50 17.58 3.40
CA PRO A 88 -1.83 17.69 1.98
C PRO A 88 -2.48 19.00 1.58
N HIS A 89 -3.41 19.50 2.41
CA HIS A 89 -4.14 20.71 2.04
C HIS A 89 -3.27 21.96 2.08
N MET A 90 -2.33 22.03 3.02
CA MET A 90 -1.45 23.18 3.11
C MET A 90 -0.48 23.20 1.93
N THR A 91 -0.02 24.41 1.61
CA THR A 91 1.01 24.58 0.59
C THR A 91 2.39 24.34 1.21
N VAL A 92 3.42 24.49 0.37
CA VAL A 92 4.79 24.37 0.86
C VAL A 92 5.09 25.48 1.87
N PHE A 93 4.67 26.70 1.57
CA PHE A 93 4.95 27.84 2.43
C PHE A 93 4.33 27.65 3.81
N GLU A 94 3.05 27.24 3.85
CA GLU A 94 2.40 27.03 5.14
C GLU A 94 2.97 25.82 5.87
N ASN A 95 3.36 24.79 5.13
CA ASN A 95 4.03 23.64 5.75
C ASN A 95 5.28 24.09 6.48
N VAL A 96 6.07 24.96 5.85
CA VAL A 96 7.28 25.45 6.50
C VAL A 96 6.94 26.36 7.68
N ALA A 97 5.90 27.20 7.53
CA ALA A 97 5.60 28.19 8.55
C ALA A 97 4.79 27.64 9.72
N PHE A 98 4.36 26.39 9.67
CA PHE A 98 3.58 25.79 10.75
C PHE A 98 4.28 25.92 12.10
N GLY A 99 5.53 25.47 12.18
CA GLY A 99 6.23 25.48 13.45
C GLY A 99 6.49 26.88 13.97
N LEU A 100 6.77 27.82 13.06
CA LEU A 100 6.95 29.21 13.48
C LEU A 100 5.65 29.81 14.00
N ARG A 101 4.52 29.49 13.37
CA ARG A 101 3.24 30.03 13.83
C ARG A 101 2.88 29.50 15.20
N MET A 102 3.06 28.21 15.45
CA MET A 102 2.77 27.67 16.77
C MET A 102 3.90 27.87 17.78
N GLN A 103 4.88 28.73 17.47
CA GLN A 103 5.83 29.21 18.47
C GLN A 103 5.61 30.68 18.80
N LYS A 104 4.50 31.27 18.34
CA LYS A 104 4.19 32.68 18.57
C LYS A 104 5.31 33.59 18.08
N THR A 105 5.82 33.29 16.90
CA THR A 105 6.83 34.12 16.28
C THR A 105 6.19 35.40 15.73
N PRO A 106 6.83 36.56 15.90
CA PRO A 106 6.28 37.80 15.35
C PRO A 106 6.10 37.72 13.84
N ALA A 107 5.03 38.37 13.36
CA ALA A 107 4.60 38.18 11.98
C ALA A 107 5.58 38.77 10.97
N ALA A 108 6.43 39.71 11.40
CA ALA A 108 7.31 40.38 10.45
C ALA A 108 8.45 39.48 9.98
N GLU A 109 8.89 38.55 10.83
CA GLU A 109 10.07 37.76 10.54
C GLU A 109 9.78 36.46 9.79
N ILE A 110 8.51 36.10 9.63
CA ILE A 110 8.17 34.75 9.16
C ILE A 110 8.62 34.55 7.72
N THR A 111 8.29 35.49 6.84
CA THR A 111 8.57 35.28 5.42
C THR A 111 10.05 35.18 5.11
N PRO A 112 10.94 36.06 5.59
CA PRO A 112 12.37 35.89 5.29
C PRO A 112 12.93 34.56 5.77
N ARG A 113 12.57 34.11 6.97
CA ARG A 113 13.08 32.84 7.46
C ARG A 113 12.61 31.68 6.60
N VAL A 114 11.32 31.68 6.21
CA VAL A 114 10.79 30.61 5.39
C VAL A 114 11.47 30.59 4.03
N MET A 115 11.66 31.77 3.43
CA MET A 115 12.31 31.83 2.13
C MET A 115 13.75 31.36 2.21
N GLU A 116 14.46 31.73 3.28
CA GLU A 116 15.82 31.25 3.47
C GLU A 116 15.87 29.74 3.63
N ALA A 117 14.95 29.19 4.41
CA ALA A 117 14.92 27.73 4.61
C ALA A 117 14.65 27.01 3.30
N LEU A 118 13.77 27.56 2.48
CA LEU A 118 13.51 26.95 1.17
C LEU A 118 14.71 27.09 0.25
N ARG A 119 15.44 28.20 0.35
CA ARG A 119 16.64 28.38 -0.48
C ARG A 119 17.75 27.42 -0.07
N MET A 120 17.79 27.06 1.21
CA MET A 120 18.83 26.15 1.69
C MET A 120 18.75 24.80 0.98
N VAL A 121 17.55 24.38 0.59
CA VAL A 121 17.32 23.09 -0.05
C VAL A 121 16.92 23.24 -1.51
N GLN A 122 17.12 24.42 -2.10
CA GLN A 122 16.86 24.66 -3.51
C GLN A 122 15.41 24.40 -3.90
N LEU A 123 14.47 25.10 -3.24
CA LEU A 123 13.06 25.00 -3.57
C LEU A 123 12.36 26.34 -3.49
N GLU A 124 13.08 27.43 -3.82
CA GLU A 124 12.54 28.76 -3.65
C GLU A 124 11.43 29.11 -4.64
N THR A 125 11.37 28.44 -5.78
CA THR A 125 10.37 28.78 -6.78
C THR A 125 9.13 27.90 -6.72
N PHE A 126 9.09 26.89 -5.86
CA PHE A 126 7.93 26.03 -5.68
C PHE A 126 7.18 26.37 -4.38
N ALA A 127 7.12 27.66 -4.04
CA ALA A 127 6.54 28.06 -2.75
C ALA A 127 5.04 27.84 -2.72
N GLN A 128 4.34 28.14 -3.81
CA GLN A 128 2.89 28.13 -3.82
C GLN A 128 2.29 26.83 -4.36
N ARG A 129 3.11 25.85 -4.70
CA ARG A 129 2.59 24.56 -5.09
C ARG A 129 2.21 23.74 -3.86
N LYS A 130 1.44 22.70 -4.09
CA LYS A 130 0.99 21.78 -3.05
C LYS A 130 1.63 20.42 -3.24
N PRO A 131 1.70 19.61 -2.17
CA PRO A 131 2.05 18.21 -2.35
C PRO A 131 1.06 17.51 -3.27
N HIS A 132 1.46 16.33 -3.75
CA HIS A 132 0.80 15.57 -4.82
C HIS A 132 1.07 16.23 -6.17
N GLN A 133 1.71 17.40 -6.15
CA GLN A 133 2.23 18.02 -7.36
C GLN A 133 3.75 18.03 -7.36
N LEU A 134 4.37 17.23 -6.51
CA LEU A 134 5.82 17.24 -6.31
C LEU A 134 6.32 15.81 -6.34
N SER A 135 7.56 15.63 -6.80
CA SER A 135 8.16 14.30 -6.82
C SER A 135 8.65 13.92 -5.42
N GLY A 136 9.18 12.71 -5.29
CA GLY A 136 9.68 12.26 -4.00
C GLY A 136 10.84 13.09 -3.50
N GLY A 137 11.77 13.42 -4.40
CA GLY A 137 12.93 14.21 -4.02
C GLY A 137 12.60 15.60 -3.56
N GLN A 138 11.44 16.11 -3.99
CA GLN A 138 10.99 17.43 -3.60
C GLN A 138 10.33 17.34 -2.24
N GLN A 139 9.46 16.34 -2.05
CA GLN A 139 8.78 16.15 -0.78
C GLN A 139 9.79 15.94 0.35
N GLN A 140 10.87 15.20 0.07
CA GLN A 140 11.92 15.02 1.08
C GLN A 140 12.54 16.35 1.46
N ARG A 141 12.82 17.20 0.47
CA ARG A 141 13.40 18.50 0.76
C ARG A 141 12.42 19.39 1.53
N VAL A 142 11.13 19.30 1.23
CA VAL A 142 10.15 20.05 2.00
C VAL A 142 10.15 19.60 3.45
N ALA A 143 10.24 18.29 3.69
CA ALA A 143 10.29 17.80 5.07
C ALA A 143 11.53 18.31 5.80
N ILE A 144 12.68 18.25 5.15
CA ILE A 144 13.91 18.73 5.79
C ILE A 144 13.82 20.22 6.09
N ALA A 145 13.30 21.00 5.15
CA ALA A 145 13.15 22.44 5.36
C ALA A 145 12.19 22.74 6.49
N ARG A 146 11.10 21.97 6.58
CA ARG A 146 10.15 22.15 7.68
C ARG A 146 10.79 21.83 9.03
N ALA A 147 11.67 20.82 9.07
CA ALA A 147 12.32 20.46 10.32
C ALA A 147 13.38 21.48 10.72
N VAL A 148 14.10 22.06 9.75
CA VAL A 148 15.29 22.86 10.05
C VAL A 148 14.96 24.33 10.34
N VAL A 149 13.73 24.77 10.06
CA VAL A 149 13.43 26.21 10.14
C VAL A 149 13.25 26.72 11.55
N ASN A 150 13.14 25.83 12.53
CA ASN A 150 12.93 26.23 13.92
C ASN A 150 14.22 26.42 14.68
N LYS A 151 15.38 26.27 14.03
CA LYS A 151 16.69 26.31 14.67
C LYS A 151 16.74 25.36 15.87
N PRO A 152 16.67 24.05 15.65
CA PRO A 152 16.68 23.11 16.77
C PRO A 152 18.08 22.78 17.24
N ARG A 153 18.16 22.29 18.48
CA ARG A 153 19.43 21.86 19.03
C ARG A 153 19.86 20.51 18.47
N LEU A 154 18.91 19.74 17.93
CA LEU A 154 19.19 18.40 17.43
C LEU A 154 18.17 18.06 16.35
N LEU A 155 18.65 17.42 15.28
CA LEU A 155 17.79 16.96 14.20
C LEU A 155 17.88 15.44 14.12
N LEU A 156 16.72 14.80 14.09
CA LEU A 156 16.63 13.34 13.99
C LEU A 156 16.06 12.95 12.64
N LEU A 157 16.73 12.01 11.97
CA LEU A 157 16.31 11.53 10.66
C LEU A 157 16.09 10.02 10.75
N ASP A 158 14.95 9.55 10.24
CA ASP A 158 14.56 8.15 10.36
C ASP A 158 14.42 7.61 8.95
N GLN A 159 15.47 6.94 8.47
CA GLN A 159 15.50 6.30 7.15
C GLN A 159 15.00 7.26 6.08
N SER A 160 15.65 8.40 5.93
CA SER A 160 15.07 9.50 5.18
C SER A 160 15.03 9.23 3.67
N LEU A 161 16.11 8.69 3.12
CA LEU A 161 16.27 8.56 1.67
C LEU A 161 16.05 7.13 1.19
N SER A 162 15.17 6.38 1.84
CA SER A 162 15.02 4.95 1.55
C SER A 162 14.23 4.71 0.28
N ALA A 163 13.20 5.51 0.00
CA ALA A 163 12.28 5.24 -1.09
C ALA A 163 12.76 5.75 -2.44
N LEU A 164 13.91 6.42 -2.50
CA LEU A 164 14.37 7.01 -3.75
C LEU A 164 15.22 6.03 -4.55
N ASP A 165 15.62 6.48 -5.74
CA ASP A 165 16.44 5.69 -6.64
C ASP A 165 17.91 5.79 -6.23
N TYR A 166 18.81 5.35 -7.10
CA TYR A 166 20.22 5.23 -6.71
C TYR A 166 20.97 6.56 -6.83
N LYS A 167 21.01 7.14 -8.03
CA LYS A 167 21.83 8.32 -8.25
C LYS A 167 21.34 9.53 -7.45
N LEU A 168 20.01 9.68 -7.35
CA LEU A 168 19.46 10.77 -6.55
C LEU A 168 19.81 10.59 -5.08
N ARG A 169 19.78 9.34 -4.61
CA ARG A 169 20.21 9.06 -3.24
C ARG A 169 21.66 9.43 -3.03
N LYS A 170 22.52 9.09 -4.00
CA LYS A 170 23.94 9.41 -3.88
C LYS A 170 24.16 10.91 -3.85
N GLN A 171 23.36 11.67 -4.59
CA GLN A 171 23.55 13.12 -4.63
C GLN A 171 23.03 13.79 -3.35
N MET A 172 21.89 13.33 -2.83
CA MET A 172 21.41 13.89 -1.58
C MET A 172 22.24 13.44 -0.37
N GLN A 173 22.91 12.29 -0.46
CA GLN A 173 23.87 11.94 0.59
C GLN A 173 24.94 13.00 0.74
N ASN A 174 25.34 13.63 -0.37
CA ASN A 174 26.34 14.68 -0.30
C ASN A 174 25.75 16.01 0.11
N GLU A 175 24.56 16.37 -0.38
CA GLU A 175 23.98 17.64 0.06
C GLU A 175 23.64 17.64 1.55
N LEU A 176 23.22 16.50 2.12
CA LEU A 176 22.94 16.47 3.55
C LEU A 176 24.21 16.72 4.37
N LYS A 177 25.33 16.11 3.97
CA LYS A 177 26.58 16.34 4.66
C LYS A 177 27.05 17.78 4.52
N ALA A 178 26.83 18.39 3.35
CA ALA A 178 27.16 19.81 3.22
C ALA A 178 26.26 20.68 4.11
N LEU A 179 24.97 20.34 4.19
CA LEU A 179 24.03 21.12 4.98
C LEU A 179 24.37 21.06 6.47
N GLN A 180 24.78 19.90 6.95
CA GLN A 180 25.17 19.79 8.36
C GLN A 180 26.31 20.74 8.69
N ARG A 181 27.33 20.78 7.84
CA ARG A 181 28.44 21.68 8.08
C ARG A 181 28.02 23.14 7.95
N LYS A 182 27.12 23.45 7.01
CA LYS A 182 26.69 24.83 6.83
C LYS A 182 25.92 25.33 8.05
N LEU A 183 25.06 24.48 8.63
CA LEU A 183 24.31 24.91 9.80
C LEU A 183 25.15 24.87 11.06
N GLY A 184 25.63 23.69 11.43
CA GLY A 184 26.42 23.52 12.63
C GLY A 184 25.70 22.88 13.79
N ILE A 185 24.73 22.01 13.55
CA ILE A 185 23.99 21.34 14.60
C ILE A 185 24.11 19.83 14.41
N THR A 186 23.91 19.10 15.51
CA THR A 186 24.11 17.66 15.50
C THR A 186 22.99 16.96 14.73
N PHE A 187 23.37 15.96 13.95
CA PHE A 187 22.44 15.13 13.20
C PHE A 187 22.51 13.71 13.74
N VAL A 188 21.35 13.09 13.92
CA VAL A 188 21.27 11.68 14.31
C VAL A 188 20.49 10.97 13.21
N PHE A 189 21.09 9.92 12.65
CA PHE A 189 20.59 9.24 11.47
C PHE A 189 20.38 7.77 11.79
N VAL A 190 19.27 7.22 11.34
CA VAL A 190 18.96 5.80 11.48
C VAL A 190 18.88 5.19 10.07
N THR A 191 19.66 4.14 9.84
CA THR A 191 19.71 3.53 8.51
C THR A 191 20.00 2.05 8.63
N HIS A 192 19.57 1.31 7.61
CA HIS A 192 19.90 -0.11 7.47
C HIS A 192 20.99 -0.35 6.45
N ASP A 193 21.54 0.71 5.86
CA ASP A 193 22.51 0.59 4.78
C ASP A 193 23.92 0.76 5.30
N GLN A 194 24.83 -0.06 4.81
CA GLN A 194 26.21 -0.04 5.28
C GLN A 194 27.02 1.06 4.59
N GLU A 195 26.98 1.12 3.27
CA GLU A 195 27.78 2.11 2.55
C GLU A 195 27.29 3.52 2.85
N GLU A 196 25.98 3.69 3.04
CA GLU A 196 25.45 5.00 3.38
C GLU A 196 25.99 5.47 4.73
N ALA A 197 26.03 4.58 5.71
CA ALA A 197 26.61 4.93 7.01
C ALA A 197 28.09 5.22 6.88
N LEU A 198 28.82 4.41 6.13
CA LEU A 198 30.26 4.59 6.02
C LEU A 198 30.63 5.87 5.28
N THR A 199 29.76 6.38 4.42
CA THR A 199 30.12 7.55 3.62
C THR A 199 29.99 8.85 4.40
N MET A 200 28.81 9.11 4.96
CA MET A 200 28.44 10.44 5.42
C MET A 200 28.59 10.67 6.91
N SER A 201 29.16 9.73 7.66
CA SER A 201 29.12 9.79 9.11
C SER A 201 30.49 10.08 9.70
N ASP A 202 30.49 10.70 10.89
CA ASP A 202 31.68 10.93 11.67
C ASP A 202 31.77 10.05 12.91
N ARG A 203 30.72 9.29 13.22
CA ARG A 203 30.71 8.38 14.35
C ARG A 203 29.56 7.40 14.18
N ILE A 204 29.85 6.11 14.25
CA ILE A 204 28.87 5.07 13.98
C ILE A 204 28.69 4.23 15.24
N VAL A 205 27.43 3.97 15.59
CA VAL A 205 27.08 3.07 16.68
C VAL A 205 26.29 1.91 16.08
N VAL A 206 26.81 0.69 16.22
CA VAL A 206 26.18 -0.51 15.69
C VAL A 206 25.34 -1.14 16.78
N MET A 207 24.08 -1.40 16.48
CA MET A 207 23.12 -1.88 17.47
C MET A 207 22.61 -3.25 17.08
N ARG A 208 22.55 -4.16 18.06
CA ARG A 208 22.01 -5.50 17.86
C ARG A 208 21.19 -5.87 19.09
N ASP A 209 19.88 -6.08 18.88
CA ASP A 209 18.97 -6.52 19.94
C ASP A 209 19.01 -5.58 21.14
N GLY A 210 19.05 -4.27 20.86
CA GLY A 210 18.95 -3.28 21.90
C GLY A 210 20.23 -2.99 22.67
N ARG A 211 21.37 -3.54 22.24
CA ARG A 211 22.63 -3.33 22.91
C ARG A 211 23.64 -2.71 21.95
N ILE A 212 24.56 -1.94 22.51
CA ILE A 212 25.61 -1.31 21.73
C ILE A 212 26.77 -2.28 21.57
N GLU A 213 27.15 -2.58 20.32
CA GLU A 213 28.27 -3.45 20.04
C GLU A 213 29.58 -2.71 19.84
N GLN A 214 29.58 -1.63 19.07
CA GLN A 214 30.80 -0.87 18.86
C GLN A 214 30.45 0.58 18.55
N ASP A 215 31.32 1.48 18.99
CA ASP A 215 31.16 2.91 18.76
C ASP A 215 32.53 3.44 18.39
N GLY A 216 32.64 4.09 17.24
CA GLY A 216 33.91 4.63 16.80
C GLY A 216 33.78 5.21 15.41
N THR A 217 34.90 5.71 14.91
CA THR A 217 34.95 6.29 13.58
C THR A 217 34.74 5.20 12.53
N PRO A 218 34.29 5.57 11.33
CA PRO A 218 34.06 4.54 10.30
C PRO A 218 35.28 3.69 10.00
N ARG A 219 36.47 4.29 10.00
CA ARG A 219 37.68 3.52 9.79
C ARG A 219 37.90 2.51 10.91
N GLU A 220 37.66 2.93 12.16
CA GLU A 220 37.82 2.06 13.31
C GLU A 220 36.80 0.93 13.33
N ILE A 221 35.77 0.99 12.50
CA ILE A 221 34.78 -0.07 12.41
C ILE A 221 35.08 -1.01 11.24
N TYR A 222 35.37 -0.46 10.06
CA TYR A 222 35.65 -1.33 8.92
C TYR A 222 37.01 -1.99 9.01
N GLU A 223 37.99 -1.35 9.65
CA GLU A 223 39.35 -1.86 9.69
C GLU A 223 39.68 -2.64 10.95
N GLU A 224 39.08 -2.28 12.09
CA GLU A 224 39.38 -2.93 13.37
C GLU A 224 38.08 -3.35 14.05
N PRO A 225 37.47 -4.44 13.60
CA PRO A 225 36.28 -4.95 14.29
C PRO A 225 36.63 -5.48 15.67
N LYS A 226 35.63 -5.47 16.55
CA LYS A 226 35.79 -5.93 17.91
C LYS A 226 35.32 -7.36 18.13
N ASN A 227 34.28 -7.79 17.40
CA ASN A 227 33.80 -9.16 17.52
C ASN A 227 33.37 -9.63 16.13
N LEU A 228 32.82 -10.84 16.09
CA LEU A 228 32.53 -11.47 14.80
C LEU A 228 31.29 -10.87 14.13
N PHE A 229 30.29 -10.48 14.92
CA PHE A 229 29.08 -9.91 14.33
C PHE A 229 29.37 -8.61 13.61
N VAL A 230 30.16 -7.72 14.23
CA VAL A 230 30.47 -6.43 13.60
C VAL A 230 31.29 -6.65 12.33
N ALA A 231 32.25 -7.58 12.37
CA ALA A 231 33.04 -7.86 11.18
C ALA A 231 32.18 -8.40 10.05
N GLY A 232 31.25 -9.31 10.36
CA GLY A 232 30.44 -9.89 9.31
C GLY A 232 29.30 -9.03 8.84
N PHE A 233 28.87 -8.05 9.64
CA PHE A 233 27.74 -7.22 9.27
C PHE A 233 28.14 -6.13 8.28
N ILE A 234 29.16 -5.36 8.62
CA ILE A 234 29.68 -4.33 7.73
C ILE A 234 30.78 -4.93 6.87
N GLY A 235 30.57 -4.91 5.55
CA GLY A 235 31.49 -5.56 4.67
C GLY A 235 31.25 -7.07 4.60
N GLU A 236 32.29 -7.77 4.19
CA GLU A 236 32.23 -9.21 3.97
C GLU A 236 33.60 -9.80 4.27
N ILE A 237 33.62 -10.88 5.07
CA ILE A 237 34.85 -11.36 5.68
C ILE A 237 34.97 -12.86 5.53
N ASN A 238 36.21 -13.35 5.69
CA ASN A 238 36.54 -14.76 5.66
C ASN A 238 37.02 -15.19 7.04
N MET A 239 36.45 -16.26 7.56
CA MET A 239 36.76 -16.73 8.91
C MET A 239 37.72 -17.91 8.83
N PHE A 240 38.88 -17.77 9.47
CA PHE A 240 39.87 -18.84 9.50
C PHE A 240 40.09 -19.30 10.94
N ASN A 241 40.48 -20.55 11.09
CA ASN A 241 40.72 -21.15 12.39
C ASN A 241 42.21 -21.32 12.61
N ALA A 242 42.65 -21.12 13.85
CA ALA A 242 44.07 -21.16 14.18
C ALA A 242 44.28 -21.80 15.54
N THR A 243 45.49 -22.33 15.74
CA THR A 243 45.95 -22.82 17.02
C THR A 243 47.37 -22.34 17.25
N VAL A 244 47.64 -21.82 18.44
CA VAL A 244 48.91 -21.17 18.74
C VAL A 244 49.96 -22.23 19.05
N ILE A 245 51.10 -22.14 18.38
CA ILE A 245 52.22 -23.02 18.65
C ILE A 245 53.24 -22.38 19.58
N GLU A 246 53.82 -21.26 19.16
CA GLU A 246 54.82 -20.57 19.96
C GLU A 246 54.86 -19.11 19.54
N ARG A 247 55.50 -18.30 20.37
CA ARG A 247 55.66 -16.88 20.12
C ARG A 247 57.12 -16.59 19.83
N LEU A 248 57.37 -15.83 18.76
CA LEU A 248 58.74 -15.44 18.42
C LEU A 248 59.16 -14.19 19.18
N ASP A 249 58.41 -13.11 19.04
CA ASP A 249 58.70 -11.88 19.76
C ASP A 249 57.40 -11.18 20.17
N GLU A 250 57.51 -9.92 20.58
CA GLU A 250 56.39 -9.20 21.18
C GLU A 250 55.19 -9.04 20.24
N GLN A 251 55.38 -9.08 18.92
CA GLN A 251 54.29 -8.80 18.02
C GLN A 251 54.11 -9.83 16.91
N ARG A 252 54.92 -10.88 16.88
CA ARG A 252 54.82 -11.93 15.87
C ARG A 252 54.69 -13.29 16.54
N VAL A 253 53.70 -14.05 16.11
CA VAL A 253 53.37 -15.33 16.74
C VAL A 253 53.20 -16.38 15.64
N ARG A 254 53.84 -17.53 15.83
CA ARG A 254 53.70 -18.66 14.92
C ARG A 254 52.46 -19.47 15.30
N ALA A 255 51.65 -19.80 14.31
CA ALA A 255 50.46 -20.61 14.53
C ALA A 255 50.10 -21.31 13.23
N ASN A 256 49.30 -22.36 13.35
CA ASN A 256 48.83 -23.10 12.18
C ASN A 256 47.43 -22.61 11.84
N VAL A 257 47.14 -22.51 10.56
CA VAL A 257 45.83 -22.09 10.07
C VAL A 257 45.39 -23.08 9.01
N GLU A 258 44.32 -23.81 9.31
CA GLU A 258 43.76 -24.79 8.37
C GLU A 258 44.82 -25.77 7.89
N GLY A 259 45.70 -26.19 8.79
CA GLY A 259 46.69 -27.19 8.48
C GLY A 259 47.99 -26.68 7.92
N ARG A 260 48.17 -25.37 7.78
CA ARG A 260 49.40 -24.80 7.27
C ARG A 260 49.95 -23.80 8.28
N GLU A 261 51.27 -23.65 8.30
CA GLU A 261 51.96 -22.83 9.29
C GLU A 261 52.42 -21.52 8.66
N CYS A 262 52.14 -20.41 9.34
CA CYS A 262 52.65 -19.12 8.92
C CYS A 262 52.69 -18.18 10.12
N ASN A 263 53.37 -17.05 9.94
CA ASN A 263 53.52 -16.04 10.97
C ASN A 263 52.32 -15.10 10.94
N ILE A 264 51.84 -14.71 12.12
CA ILE A 264 50.75 -13.77 12.25
C ILE A 264 51.11 -12.72 13.31
N TYR A 265 50.49 -11.55 13.19
CA TYR A 265 50.74 -10.42 14.07
C TYR A 265 49.65 -10.35 15.13
N VAL A 266 50.01 -10.66 16.37
CA VAL A 266 49.09 -10.64 17.49
C VAL A 266 49.69 -9.73 18.56
N ASN A 267 48.89 -8.78 19.06
CA ASN A 267 49.40 -7.82 20.03
C ASN A 267 49.12 -8.26 21.46
N PHE A 268 47.91 -8.73 21.74
CA PHE A 268 47.56 -9.11 23.10
C PHE A 268 48.16 -10.48 23.44
N ALA A 269 48.22 -10.77 24.74
CA ALA A 269 48.91 -11.96 25.23
C ALA A 269 48.12 -13.22 24.94
N VAL A 270 48.82 -14.28 24.53
CA VAL A 270 48.23 -15.58 24.25
C VAL A 270 49.14 -16.66 24.83
N GLU A 271 48.58 -17.85 24.97
CA GLU A 271 49.29 -19.00 25.49
C GLU A 271 49.15 -20.17 24.53
N PRO A 272 50.12 -21.09 24.51
CA PRO A 272 50.03 -22.23 23.60
C PRO A 272 48.80 -23.09 23.88
N GLY A 273 48.22 -23.60 22.81
CA GLY A 273 46.98 -24.37 22.90
C GLY A 273 45.71 -23.56 22.77
N GLN A 274 45.82 -22.24 22.69
CA GLN A 274 44.66 -21.36 22.55
C GLN A 274 44.22 -21.29 21.10
N LYS A 275 42.91 -21.24 20.90
CA LYS A 275 42.34 -21.13 19.56
C LYS A 275 42.02 -19.68 19.24
N LEU A 276 42.26 -19.31 17.98
CA LEU A 276 42.07 -17.93 17.55
C LEU A 276 41.30 -17.93 16.23
N HIS A 277 40.79 -16.75 15.88
CA HIS A 277 40.14 -16.52 14.61
C HIS A 277 40.98 -15.50 13.83
N VAL A 278 41.40 -15.88 12.63
CA VAL A 278 42.13 -14.99 11.74
C VAL A 278 41.19 -14.55 10.64
N LEU A 279 40.97 -13.25 10.52
CA LEU A 279 40.00 -12.69 9.59
C LEU A 279 40.73 -11.93 8.49
N LEU A 280 40.38 -12.24 7.24
CA LEU A 280 40.94 -11.57 6.08
C LEU A 280 39.81 -11.13 5.16
N ARG A 281 40.01 -10.04 4.46
CA ARG A 281 38.96 -9.54 3.58
C ARG A 281 39.24 -9.95 2.14
N PRO A 282 38.20 -10.01 1.30
CA PRO A 282 38.40 -10.50 -0.07
C PRO A 282 39.43 -9.71 -0.87
N GLU A 283 39.51 -8.40 -0.68
CA GLU A 283 40.41 -7.58 -1.47
C GLU A 283 41.85 -7.67 -1.00
N ASP A 284 42.11 -8.38 0.11
CA ASP A 284 43.45 -8.51 0.65
C ASP A 284 44.08 -9.88 0.38
N LEU A 285 43.36 -10.80 -0.24
CA LEU A 285 43.89 -12.09 -0.60
C LEU A 285 44.39 -12.09 -2.04
N ARG A 286 45.46 -12.84 -2.29
CA ARG A 286 46.07 -12.92 -3.61
C ARG A 286 46.19 -14.38 -4.04
N VAL A 287 45.86 -14.64 -5.30
CA VAL A 287 45.99 -15.96 -5.89
C VAL A 287 47.16 -15.91 -6.87
N GLU A 288 48.17 -16.75 -6.64
CA GLU A 288 49.38 -16.73 -7.43
C GLU A 288 49.77 -18.16 -7.82
N GLU A 289 50.56 -18.26 -8.88
CA GLU A 289 51.02 -19.55 -9.38
C GLU A 289 52.03 -20.17 -8.42
N ILE A 290 51.94 -21.49 -8.26
CA ILE A 290 52.81 -22.19 -7.31
C ILE A 290 53.93 -22.93 -8.01
N ASN A 291 53.86 -23.14 -9.33
CA ASN A 291 54.91 -23.88 -10.03
C ASN A 291 56.26 -23.19 -9.90
N ASP A 292 56.27 -21.86 -10.08
CA ASP A 292 57.46 -21.06 -9.86
C ASP A 292 57.31 -20.16 -8.64
N ASP A 293 56.69 -20.68 -7.58
CA ASP A 293 56.39 -19.89 -6.38
C ASP A 293 57.65 -19.35 -5.73
N ASN A 294 58.49 -20.25 -5.21
CA ASN A 294 59.81 -19.99 -4.62
C ASN A 294 59.85 -18.72 -3.78
N HIS A 295 58.73 -18.40 -3.11
CA HIS A 295 58.62 -17.18 -2.31
C HIS A 295 58.40 -17.47 -0.84
N ALA A 296 57.38 -18.25 -0.50
CA ALA A 296 57.03 -18.56 0.88
C ALA A 296 55.96 -19.64 0.88
N GLU A 297 55.52 -20.01 2.08
CA GLU A 297 54.46 -21.01 2.22
C GLU A 297 53.10 -20.34 2.24
N GLY A 298 52.11 -21.01 1.65
CA GLY A 298 50.76 -20.48 1.61
C GLY A 298 49.75 -21.60 1.50
N LEU A 299 48.47 -21.21 1.49
CA LEU A 299 47.41 -22.19 1.39
C LEU A 299 47.31 -22.72 -0.04
N ILE A 300 46.79 -23.95 -0.16
CA ILE A 300 46.61 -24.62 -1.44
C ILE A 300 45.12 -24.89 -1.66
N GLY A 301 44.64 -24.57 -2.86
CA GLY A 301 43.26 -24.81 -3.20
C GLY A 301 43.03 -24.63 -4.68
N TYR A 302 41.80 -24.96 -5.12
CA TYR A 302 41.41 -24.88 -6.51
C TYR A 302 40.40 -23.75 -6.71
N VAL A 303 40.26 -23.33 -7.96
CA VAL A 303 39.31 -22.29 -8.34
C VAL A 303 38.10 -22.99 -8.96
N ARG A 304 36.92 -22.70 -8.41
CA ARG A 304 35.70 -23.33 -8.93
C ARG A 304 34.96 -22.41 -9.89
N GLU A 305 34.64 -21.19 -9.44
CA GLU A 305 33.82 -20.27 -10.21
C GLU A 305 34.52 -18.94 -10.37
N ARG A 306 34.36 -18.34 -11.55
CA ARG A 306 34.80 -16.98 -11.82
C ARG A 306 33.59 -16.16 -12.24
N ASN A 307 33.17 -15.24 -11.38
CA ASN A 307 32.00 -14.41 -11.64
C ASN A 307 32.43 -13.02 -12.05
N TYR A 308 31.86 -12.54 -13.16
CA TYR A 308 32.13 -11.20 -13.66
C TYR A 308 31.02 -10.27 -13.22
N LYS A 309 31.36 -9.28 -12.40
CA LYS A 309 30.38 -8.39 -11.80
C LYS A 309 30.52 -6.97 -12.31
N GLY A 310 31.18 -6.77 -13.45
CA GLY A 310 31.41 -5.45 -13.97
C GLY A 310 32.83 -4.98 -13.72
N MET A 311 33.01 -4.14 -12.70
CA MET A 311 34.30 -3.60 -12.34
C MET A 311 35.18 -4.60 -11.60
N THR A 312 34.60 -5.63 -11.00
CA THR A 312 35.34 -6.57 -10.17
C THR A 312 35.05 -8.00 -10.58
N LEU A 313 36.02 -8.88 -10.29
CA LEU A 313 35.90 -10.31 -10.51
C LEU A 313 35.94 -11.03 -9.17
N GLU A 314 34.90 -11.80 -8.88
CA GLU A 314 34.79 -12.55 -7.64
C GLU A 314 35.06 -14.02 -7.93
N SER A 315 36.01 -14.60 -7.21
CA SER A 315 36.41 -15.98 -7.39
C SER A 315 36.12 -16.77 -6.13
N VAL A 316 35.52 -17.95 -6.30
CA VAL A 316 35.25 -18.86 -5.20
C VAL A 316 36.32 -19.95 -5.23
N VAL A 317 37.08 -20.06 -4.15
CA VAL A 317 38.21 -20.97 -4.08
C VAL A 317 37.95 -21.98 -2.98
N GLU A 318 38.11 -23.26 -3.32
CA GLU A 318 37.92 -24.36 -2.38
C GLU A 318 39.26 -24.82 -1.84
N LEU A 319 39.41 -24.80 -0.52
CA LEU A 319 40.65 -25.27 0.08
C LEU A 319 40.67 -26.78 0.16
N GLU A 320 41.84 -27.33 0.51
CA GLU A 320 41.97 -28.77 0.64
C GLU A 320 41.08 -29.32 1.75
N ASN A 321 40.98 -28.62 2.88
CA ASN A 321 40.11 -29.06 3.95
C ASN A 321 38.66 -29.05 3.52
N GLY A 322 38.23 -28.02 2.83
CA GLY A 322 36.85 -27.90 2.37
C GLY A 322 36.19 -26.57 2.65
N LYS A 323 36.86 -25.61 3.28
CA LYS A 323 36.26 -24.32 3.56
C LYS A 323 36.23 -23.46 2.29
N MET A 324 35.18 -22.65 2.16
CA MET A 324 35.02 -21.74 1.03
C MET A 324 35.76 -20.44 1.31
N VAL A 325 36.56 -20.01 0.34
CA VAL A 325 37.30 -18.76 0.42
C VAL A 325 37.05 -17.99 -0.87
N MET A 326 36.67 -16.72 -0.74
CA MET A 326 36.29 -15.91 -1.89
C MET A 326 37.22 -14.70 -2.00
N VAL A 327 37.68 -14.42 -3.21
CA VAL A 327 38.70 -13.43 -3.49
C VAL A 327 38.16 -12.42 -4.50
N SER A 328 38.41 -11.15 -4.27
CA SER A 328 37.92 -10.08 -5.13
C SER A 328 39.09 -9.28 -5.69
N GLU A 329 38.95 -8.82 -6.93
CA GLU A 329 40.00 -8.09 -7.61
C GLU A 329 39.39 -7.35 -8.79
N PHE A 330 40.11 -6.35 -9.28
CA PHE A 330 39.66 -5.57 -10.42
C PHE A 330 39.76 -6.38 -11.71
N PHE A 331 38.95 -6.02 -12.69
CA PHE A 331 38.94 -6.66 -14.00
C PHE A 331 39.67 -5.77 -15.01
N ASN A 332 40.80 -6.25 -15.50
CA ASN A 332 41.58 -5.59 -16.54
C ASN A 332 41.66 -6.55 -17.72
N GLU A 333 40.76 -6.39 -18.70
CA GLU A 333 40.72 -7.31 -19.82
C GLU A 333 41.77 -7.00 -20.87
N ASP A 334 42.38 -5.82 -20.84
CA ASP A 334 43.40 -5.46 -21.81
C ASP A 334 44.80 -5.78 -21.33
N ASP A 335 44.94 -6.39 -20.15
CA ASP A 335 46.24 -6.80 -19.64
C ASP A 335 46.59 -8.17 -20.19
N PRO A 336 47.68 -8.32 -20.96
CA PRO A 336 48.02 -9.64 -21.51
C PRO A 336 48.20 -10.71 -20.45
N ASP A 337 48.74 -10.36 -19.29
CA ASP A 337 49.00 -11.31 -18.21
C ASP A 337 47.85 -11.24 -17.20
N PHE A 338 46.77 -11.93 -17.51
CA PHE A 338 45.61 -12.02 -16.62
C PHE A 338 45.20 -13.48 -16.52
N ASP A 339 45.20 -14.00 -15.30
CA ASP A 339 44.92 -15.41 -15.09
C ASP A 339 43.47 -15.73 -15.44
N HIS A 340 43.27 -16.84 -16.14
CA HIS A 340 41.93 -17.29 -16.52
C HIS A 340 41.75 -18.80 -16.35
N SER A 341 42.77 -19.51 -15.90
CA SER A 341 42.68 -20.97 -15.80
C SER A 341 41.76 -21.37 -14.66
N LEU A 342 41.08 -22.50 -14.84
CA LEU A 342 40.18 -23.06 -13.85
C LEU A 342 40.65 -24.45 -13.46
N ASP A 343 40.24 -24.87 -12.26
CA ASP A 343 40.49 -26.22 -11.75
C ASP A 343 41.97 -26.55 -11.78
N GLN A 344 42.76 -25.68 -11.15
CA GLN A 344 44.21 -25.85 -11.12
C GLN A 344 44.71 -25.64 -9.70
N LYS A 345 45.87 -26.21 -9.43
CA LYS A 345 46.55 -26.04 -8.14
C LYS A 345 47.24 -24.68 -8.12
N MET A 346 46.71 -23.77 -7.31
CA MET A 346 47.31 -22.46 -7.12
C MET A 346 47.26 -22.10 -5.64
N ALA A 347 48.15 -21.19 -5.26
CA ALA A 347 48.35 -20.82 -3.86
C ALA A 347 47.56 -19.58 -3.50
N ILE A 348 47.22 -19.47 -2.22
CA ILE A 348 46.53 -18.32 -1.65
C ILE A 348 47.49 -17.66 -0.66
N ASN A 349 47.70 -16.36 -0.82
CA ASN A 349 48.67 -15.64 -0.01
C ASN A 349 48.10 -14.28 0.38
N TRP A 350 48.73 -13.67 1.40
CA TRP A 350 48.38 -12.34 1.84
C TRP A 350 49.63 -11.63 2.33
N VAL A 351 49.63 -10.30 2.21
CA VAL A 351 50.77 -9.52 2.66
C VAL A 351 50.76 -9.45 4.18
N GLU A 352 51.96 -9.51 4.77
CA GLU A 352 52.08 -9.55 6.22
C GLU A 352 51.52 -8.28 6.85
N SER A 353 50.97 -8.42 8.05
CA SER A 353 50.40 -7.37 8.89
C SER A 353 49.09 -6.83 8.36
N TRP A 354 48.35 -7.59 7.53
CA TRP A 354 47.06 -7.17 7.03
C TRP A 354 45.91 -7.98 7.64
N GLU A 355 46.19 -8.80 8.64
CA GLU A 355 45.17 -9.66 9.22
C GLU A 355 44.54 -9.01 10.45
N VAL A 356 43.45 -9.60 10.92
CA VAL A 356 42.77 -9.16 12.14
C VAL A 356 42.61 -10.41 13.00
N VAL A 357 43.36 -10.49 14.10
CA VAL A 357 43.36 -11.65 14.97
C VAL A 357 42.44 -11.39 16.15
N LEU A 358 41.46 -12.25 16.33
CA LEU A 358 40.50 -12.17 17.43
C LEU A 358 40.51 -13.47 18.20
N ALA A 359 40.57 -13.38 19.52
CA ALA A 359 40.55 -14.58 20.35
C ALA A 359 39.14 -15.14 20.42
N ASP A 360 39.04 -16.37 20.92
CA ASP A 360 37.74 -17.03 21.07
C ASP A 360 37.38 -17.16 22.55
N PHE B 1 -11.47 14.60 26.97
CA PHE B 1 -11.30 14.47 25.53
C PHE B 1 -11.51 13.03 25.07
N GLN B 2 -10.51 12.18 25.32
CA GLN B 2 -10.60 10.78 24.92
C GLN B 2 -11.71 10.07 25.67
N ASN B 3 -11.82 10.31 26.98
CA ASN B 3 -12.78 9.57 27.79
C ASN B 3 -14.20 10.07 27.57
N VAL B 4 -14.36 11.38 27.33
CA VAL B 4 -15.70 11.94 27.21
C VAL B 4 -16.42 11.36 26.00
N VAL B 5 -15.72 11.25 24.87
CA VAL B 5 -16.37 10.79 23.64
C VAL B 5 -16.72 9.31 23.74
N ILE B 6 -15.83 8.51 24.33
CA ILE B 6 -16.06 7.07 24.39
C ILE B 6 -17.20 6.75 25.34
N VAL B 7 -17.24 7.42 26.49
CA VAL B 7 -18.31 7.18 27.45
C VAL B 7 -19.66 7.58 26.88
N THR B 8 -19.72 8.73 26.20
CA THR B 8 -20.99 9.20 25.67
C THR B 8 -21.53 8.26 24.59
N ILE B 9 -20.67 7.82 23.67
CA ILE B 9 -21.15 6.93 22.62
C ILE B 9 -21.51 5.55 23.17
N VAL B 10 -20.73 5.06 24.13
CA VAL B 10 -21.07 3.77 24.75
C VAL B 10 -22.31 3.91 25.62
N GLY B 11 -22.43 5.01 26.37
CA GLY B 11 -23.61 5.23 27.18
C GLY B 11 -24.87 5.36 26.34
N TRP B 12 -24.76 6.03 25.19
CA TRP B 12 -25.91 6.18 24.31
C TRP B 12 -26.36 4.85 23.73
N LEU B 13 -25.42 3.97 23.36
CA LEU B 13 -25.79 2.71 22.75
C LEU B 13 -26.35 1.73 23.77
N VAL B 14 -25.75 1.68 24.97
CA VAL B 14 -26.21 0.73 25.98
C VAL B 14 -27.58 1.12 26.51
N LEU B 15 -27.86 2.42 26.61
CA LEU B 15 -29.15 2.86 27.13
C LEU B 15 -30.26 2.68 26.10
N PHE B 16 -29.98 2.95 24.83
CA PHE B 16 -31.00 3.03 23.80
C PHE B 16 -31.12 1.79 22.94
N VAL B 17 -30.10 0.94 22.88
CA VAL B 17 -30.12 -0.19 21.96
C VAL B 17 -30.06 -1.52 22.70
N PHE B 18 -29.03 -1.70 23.52
CA PHE B 18 -28.78 -3.01 24.12
C PHE B 18 -29.69 -3.32 25.30
N LEU B 19 -29.81 -2.39 26.25
CA LEU B 19 -30.66 -2.63 27.42
C LEU B 19 -32.11 -2.85 27.03
N PRO B 20 -32.71 -2.04 26.15
CA PRO B 20 -34.09 -2.34 25.74
C PRO B 20 -34.27 -3.69 25.08
N ASN B 21 -33.25 -4.19 24.38
CA ASN B 21 -33.36 -5.51 23.76
C ASN B 21 -33.47 -6.60 24.82
N LEU B 22 -32.73 -6.46 25.92
CA LEU B 22 -32.86 -7.42 27.01
C LEU B 22 -34.22 -7.32 27.69
N MET B 23 -34.90 -6.17 27.55
CA MET B 23 -36.23 -6.05 28.11
C MET B 23 -37.25 -6.78 27.26
N ILE B 24 -37.04 -6.82 25.94
CA ILE B 24 -37.97 -7.52 25.06
C ILE B 24 -37.85 -9.03 25.25
N ILE B 25 -36.62 -9.55 25.33
CA ILE B 25 -36.44 -10.98 25.50
C ILE B 25 -36.99 -11.44 26.85
N GLY B 26 -36.87 -10.61 27.87
CA GLY B 26 -37.43 -10.93 29.17
C GLY B 26 -38.91 -10.70 29.29
N THR B 27 -39.53 -10.01 28.34
CA THR B 27 -40.96 -9.80 28.34
C THR B 27 -41.71 -10.99 27.77
N SER B 28 -41.05 -11.80 26.94
CA SER B 28 -41.68 -12.95 26.31
C SER B 28 -41.97 -14.08 27.29
N PHE B 29 -41.46 -14.00 28.51
CA PHE B 29 -41.61 -15.07 29.48
C PHE B 29 -42.63 -14.75 30.57
N LEU B 30 -43.17 -13.54 30.61
CA LEU B 30 -44.09 -13.15 31.67
C LEU B 30 -45.53 -13.26 31.20
N THR B 31 -46.48 -12.81 32.03
CA THR B 31 -47.90 -13.08 31.83
C THR B 31 -48.65 -11.80 31.52
N ARG B 32 -49.61 -11.89 30.59
CA ARG B 32 -50.37 -10.74 30.14
C ARG B 32 -51.30 -10.21 31.23
N ASP B 33 -51.53 -8.90 31.20
CA ASP B 33 -52.56 -8.26 32.02
C ASP B 33 -53.25 -7.16 31.20
N ASP B 34 -54.51 -6.90 31.53
CA ASP B 34 -55.31 -5.98 30.73
C ASP B 34 -54.86 -4.54 30.93
N ALA B 35 -54.68 -4.13 32.18
CA ALA B 35 -54.31 -2.75 32.49
C ALA B 35 -52.89 -2.58 32.96
N SER B 36 -52.27 -3.63 33.50
CA SER B 36 -50.89 -3.58 33.94
C SER B 36 -49.92 -4.09 32.90
N PHE B 37 -50.40 -4.37 31.67
CA PHE B 37 -49.56 -4.84 30.58
C PHE B 37 -48.89 -6.15 30.94
N VAL B 38 -47.70 -6.09 31.52
CA VAL B 38 -46.90 -7.26 31.84
C VAL B 38 -47.00 -7.49 33.34
N LYS B 39 -47.28 -8.74 33.73
CA LYS B 39 -47.35 -9.12 35.13
C LYS B 39 -46.22 -10.10 35.44
N MET B 40 -45.70 -10.06 36.67
CA MET B 40 -44.54 -10.86 37.04
C MET B 40 -45.03 -12.26 37.41
N VAL B 41 -45.27 -13.05 36.38
CA VAL B 41 -45.60 -14.48 36.51
C VAL B 41 -44.90 -15.21 35.38
N PHE B 42 -43.92 -16.04 35.72
CA PHE B 42 -43.10 -16.71 34.72
C PHE B 42 -43.91 -17.83 34.09
N THR B 43 -44.14 -17.74 32.78
CA THR B 43 -44.90 -18.72 32.04
C THR B 43 -44.22 -19.03 30.71
N LEU B 44 -44.40 -20.26 30.24
CA LEU B 44 -43.93 -20.66 28.92
C LEU B 44 -45.07 -20.78 27.91
N ASP B 45 -46.25 -20.26 28.25
CA ASP B 45 -47.38 -20.34 27.33
C ASP B 45 -47.14 -19.50 26.08
N ASN B 46 -46.35 -18.45 26.20
CA ASN B 46 -46.13 -17.54 25.07
C ASN B 46 -45.40 -18.24 23.93
N TYR B 47 -44.36 -19.00 24.24
CA TYR B 47 -43.55 -19.61 23.18
C TYR B 47 -44.25 -20.82 22.56
N THR B 48 -45.01 -21.57 23.36
CA THR B 48 -45.65 -22.77 22.83
C THR B 48 -46.84 -22.45 21.94
N ARG B 49 -47.40 -21.23 22.03
CA ARG B 49 -48.50 -20.86 21.17
C ARG B 49 -48.06 -20.66 19.73
N LEU B 50 -46.76 -20.44 19.50
CA LEU B 50 -46.26 -20.24 18.15
C LEU B 50 -46.32 -21.52 17.33
N LEU B 51 -46.48 -22.68 17.97
CA LEU B 51 -46.56 -23.95 17.27
C LEU B 51 -47.97 -24.29 16.82
N ASP B 52 -48.96 -23.46 17.13
CA ASP B 52 -50.28 -23.65 16.58
C ASP B 52 -50.24 -23.46 15.06
N PRO B 53 -50.97 -24.28 14.30
CA PRO B 53 -50.91 -24.15 12.83
C PRO B 53 -51.33 -22.79 12.31
N LEU B 54 -52.23 -22.09 13.00
CA LEU B 54 -52.71 -20.80 12.52
C LEU B 54 -51.59 -19.76 12.52
N TYR B 55 -50.78 -19.72 13.57
CA TYR B 55 -49.70 -18.74 13.69
C TYR B 55 -48.38 -19.24 13.12
N PHE B 56 -48.32 -20.49 12.66
CA PHE B 56 -47.11 -21.04 12.07
C PHE B 56 -47.09 -20.95 10.55
N GLU B 57 -48.26 -20.95 9.92
CA GLU B 57 -48.32 -20.77 8.47
C GLU B 57 -47.95 -19.34 8.09
N VAL B 58 -48.33 -18.36 8.92
CA VAL B 58 -48.01 -16.97 8.63
C VAL B 58 -46.51 -16.73 8.68
N LEU B 59 -45.83 -17.33 9.66
CA LEU B 59 -44.38 -17.20 9.75
C LEU B 59 -43.69 -17.83 8.54
N LEU B 60 -44.17 -19.00 8.11
CA LEU B 60 -43.54 -19.68 6.98
C LEU B 60 -43.70 -18.90 5.68
N HIS B 61 -44.85 -18.25 5.51
CA HIS B 61 -45.08 -17.46 4.30
C HIS B 61 -44.13 -16.28 4.21
N SER B 62 -43.85 -15.63 5.35
CA SER B 62 -42.96 -14.48 5.35
C SER B 62 -41.54 -14.85 4.94
N LEU B 63 -41.04 -15.98 5.43
CA LEU B 63 -39.68 -16.40 5.11
C LEU B 63 -39.50 -16.62 3.62
N ASN B 64 -40.48 -17.28 2.98
CA ASN B 64 -40.39 -17.52 1.54
C ASN B 64 -40.43 -16.22 0.77
N MET B 65 -41.30 -15.29 1.18
CA MET B 65 -41.45 -14.04 0.47
C MET B 65 -40.23 -13.15 0.61
N ALA B 66 -39.59 -13.16 1.78
CA ALA B 66 -38.39 -12.37 1.98
C ALA B 66 -37.17 -13.02 1.34
N LEU B 67 -37.10 -14.35 1.36
CA LEU B 67 -35.95 -15.05 0.78
C LEU B 67 -35.85 -14.80 -0.72
N ILE B 68 -36.98 -14.81 -1.42
CA ILE B 68 -36.97 -14.57 -2.86
C ILE B 68 -36.58 -13.14 -3.16
N ALA B 69 -37.03 -12.18 -2.32
CA ALA B 69 -36.64 -10.80 -2.51
C ALA B 69 -35.14 -10.61 -2.34
N THR B 70 -34.54 -11.32 -1.37
CA THR B 70 -33.10 -11.27 -1.22
C THR B 70 -32.38 -11.83 -2.44
N LEU B 71 -32.88 -12.94 -2.98
CA LEU B 71 -32.27 -13.53 -4.16
C LEU B 71 -32.40 -12.63 -5.37
N ALA B 72 -33.55 -11.98 -5.53
CA ALA B 72 -33.76 -11.10 -6.67
C ALA B 72 -32.83 -9.89 -6.60
N CYS B 73 -32.58 -9.38 -5.40
CA CYS B 73 -31.66 -8.26 -5.24
C CYS B 73 -30.24 -8.67 -5.59
N LEU B 74 -29.84 -9.89 -5.23
CA LEU B 74 -28.48 -10.35 -5.49
C LEU B 74 -28.24 -10.57 -6.98
N VAL B 75 -29.25 -11.09 -7.68
CA VAL B 75 -29.11 -11.35 -9.11
C VAL B 75 -29.07 -10.03 -9.89
N LEU B 76 -29.87 -9.06 -9.49
CA LEU B 76 -29.90 -7.77 -10.16
C LEU B 76 -28.90 -6.76 -9.60
N GLY B 77 -28.23 -7.09 -8.50
CA GLY B 77 -27.36 -6.12 -7.85
C GLY B 77 -25.89 -6.36 -8.10
N TYR B 78 -25.47 -7.64 -8.15
CA TYR B 78 -24.07 -7.92 -8.44
C TYR B 78 -23.66 -7.43 -9.82
N PRO B 79 -24.40 -7.69 -10.90
CA PRO B 79 -24.02 -7.10 -12.19
C PRO B 79 -24.00 -5.58 -12.19
N PHE B 80 -24.94 -4.94 -11.50
CA PHE B 80 -24.97 -3.47 -11.48
C PHE B 80 -23.71 -2.92 -10.82
N ALA B 81 -23.30 -3.52 -9.70
CA ALA B 81 -22.08 -3.08 -9.04
C ALA B 81 -20.85 -3.38 -9.90
N TRP B 82 -20.85 -4.51 -10.60
CA TRP B 82 -19.70 -4.87 -11.42
C TRP B 82 -19.51 -3.90 -12.57
N PHE B 83 -20.61 -3.50 -13.23
CA PHE B 83 -20.47 -2.59 -14.36
C PHE B 83 -20.12 -1.18 -13.91
N LEU B 84 -20.54 -0.79 -12.71
CA LEU B 84 -20.20 0.53 -12.19
C LEU B 84 -18.73 0.63 -11.83
N ALA B 85 -18.05 -0.50 -11.66
CA ALA B 85 -16.63 -0.52 -11.34
C ALA B 85 -15.74 -0.49 -12.57
N LYS B 86 -16.31 -0.42 -13.77
CA LYS B 86 -15.55 -0.33 -15.01
C LYS B 86 -15.80 1.00 -15.72
N LEU B 87 -15.90 2.07 -14.95
CA LEU B 87 -16.25 3.40 -15.42
C LEU B 87 -15.22 4.40 -14.93
N PRO B 88 -15.14 5.57 -15.57
CA PRO B 88 -14.21 6.60 -15.09
C PRO B 88 -14.51 7.00 -13.66
N HIS B 89 -13.46 7.31 -12.91
CA HIS B 89 -13.60 7.61 -11.49
C HIS B 89 -14.42 8.86 -11.22
N LYS B 90 -14.47 9.80 -12.16
CA LYS B 90 -15.15 11.06 -11.92
C LYS B 90 -16.68 10.90 -11.95
N VAL B 91 -17.19 10.02 -12.81
CA VAL B 91 -18.63 9.85 -12.96
C VAL B 91 -19.23 8.91 -11.92
N ARG B 92 -18.40 8.14 -11.22
CA ARG B 92 -18.94 7.18 -10.25
C ARG B 92 -19.71 7.84 -9.11
N PRO B 93 -19.19 8.88 -8.44
CA PRO B 93 -19.97 9.46 -7.33
C PRO B 93 -21.32 10.01 -7.75
N LEU B 94 -21.43 10.54 -8.97
CA LEU B 94 -22.73 11.04 -9.44
C LEU B 94 -23.72 9.90 -9.60
N LEU B 95 -23.27 8.76 -10.15
CA LEU B 95 -24.15 7.63 -10.35
C LEU B 95 -24.66 7.07 -9.01
N LEU B 96 -23.79 6.99 -8.01
CA LEU B 96 -24.22 6.52 -6.70
C LEU B 96 -25.22 7.49 -6.06
N PHE B 97 -25.01 8.79 -6.26
CA PHE B 97 -25.90 9.78 -5.66
C PHE B 97 -27.30 9.69 -6.24
N LEU B 98 -27.41 9.35 -7.53
CA LEU B 98 -28.70 9.20 -8.19
C LEU B 98 -29.47 7.99 -7.72
N LEU B 99 -28.94 7.21 -6.77
CA LEU B 99 -29.64 6.08 -6.20
C LEU B 99 -30.42 6.45 -4.95
N ILE B 100 -30.12 7.58 -4.31
CA ILE B 100 -30.78 8.00 -3.09
C ILE B 100 -31.67 9.21 -3.30
N VAL B 101 -31.68 9.80 -4.49
CA VAL B 101 -32.62 10.86 -4.84
C VAL B 101 -34.07 10.40 -4.68
N PRO B 102 -34.45 9.18 -5.11
CA PRO B 102 -35.83 8.75 -4.88
C PRO B 102 -36.23 8.70 -3.41
N PHE B 103 -35.28 8.56 -2.50
CA PHE B 103 -35.61 8.38 -1.10
C PHE B 103 -36.17 9.63 -0.43
N TRP B 104 -36.03 10.80 -1.05
CA TRP B 104 -36.54 12.02 -0.43
C TRP B 104 -38.05 12.00 -0.32
N THR B 105 -38.74 11.52 -1.36
CA THR B 105 -40.15 11.23 -1.26
C THR B 105 -40.35 10.03 -0.35
N ASN B 106 -41.35 10.12 0.51
CA ASN B 106 -41.57 9.10 1.54
C ASN B 106 -41.93 7.76 0.90
N SER B 107 -41.62 6.69 1.62
CA SER B 107 -41.84 5.35 1.09
C SER B 107 -43.32 5.03 0.92
N LEU B 108 -44.18 5.54 1.81
CA LEU B 108 -45.60 5.24 1.74
C LEU B 108 -46.30 5.93 0.57
N ILE B 109 -45.66 6.92 -0.06
CA ILE B 109 -46.19 7.51 -1.28
C ILE B 109 -45.68 6.80 -2.52
N ARG B 110 -44.44 6.30 -2.52
CA ARG B 110 -43.89 5.65 -3.69
C ARG B 110 -44.55 4.31 -3.99
N ILE B 111 -44.94 3.56 -2.96
CA ILE B 111 -45.72 2.35 -3.17
C ILE B 111 -47.10 2.68 -3.71
N TYR B 112 -47.70 3.76 -3.21
CA TYR B 112 -49.00 4.19 -3.73
C TYR B 112 -48.91 4.54 -5.21
N GLY B 113 -47.80 5.13 -5.64
CA GLY B 113 -47.62 5.39 -7.06
C GLY B 113 -47.42 4.12 -7.87
N LEU B 114 -46.68 3.16 -7.31
CA LEU B 114 -46.43 1.91 -8.03
C LEU B 114 -47.71 1.08 -8.16
N LYS B 115 -48.60 1.17 -7.16
CA LYS B 115 -49.87 0.46 -7.24
C LYS B 115 -50.70 0.96 -8.42
N ILE B 116 -50.71 2.27 -8.65
CA ILE B 116 -51.42 2.82 -9.79
C ILE B 116 -50.78 2.39 -11.10
N PHE B 117 -49.45 2.28 -11.11
CA PHE B 117 -48.73 1.91 -12.33
C PHE B 117 -49.01 0.48 -12.72
N LEU B 118 -49.34 -0.38 -11.77
CA LEU B 118 -49.52 -1.80 -12.03
C LEU B 118 -50.98 -2.24 -12.05
N SER B 119 -51.92 -1.30 -11.99
CA SER B 119 -53.32 -1.68 -11.93
C SER B 119 -53.78 -2.28 -13.26
N THR B 120 -54.94 -2.93 -13.21
CA THR B 120 -55.45 -3.63 -14.38
C THR B 120 -55.73 -2.66 -15.54
N LYS B 121 -56.39 -1.55 -15.26
CA LYS B 121 -56.72 -0.56 -16.29
C LYS B 121 -55.73 0.59 -16.33
N GLY B 122 -54.65 0.54 -15.55
CA GLY B 122 -53.67 1.59 -15.51
C GLY B 122 -52.63 1.44 -16.60
N TYR B 123 -51.57 2.24 -16.49
CA TYR B 123 -50.46 2.12 -17.41
C TYR B 123 -49.78 0.76 -17.25
N LEU B 124 -48.84 0.49 -18.17
CA LEU B 124 -48.09 -0.76 -18.24
C LEU B 124 -48.98 -1.94 -18.59
N ASN B 125 -50.28 -1.70 -18.67
CA ASN B 125 -51.22 -2.66 -19.25
C ASN B 125 -51.83 -2.12 -20.53
N GLU B 126 -52.12 -0.81 -20.58
CA GLU B 126 -52.53 -0.20 -21.83
C GLU B 126 -51.39 -0.17 -22.83
N PHE B 127 -50.18 0.15 -22.35
CA PHE B 127 -49.04 0.26 -23.26
C PHE B 127 -48.67 -1.11 -23.82
N LEU B 128 -48.69 -2.14 -22.98
CA LEU B 128 -48.38 -3.48 -23.46
C LEU B 128 -49.41 -3.97 -24.47
N LEU B 129 -50.68 -3.66 -24.25
CA LEU B 129 -51.72 -4.01 -25.21
C LEU B 129 -51.52 -3.26 -26.51
N TRP B 130 -51.18 -1.97 -26.44
CA TRP B 130 -50.94 -1.19 -27.65
C TRP B 130 -49.74 -1.72 -28.41
N LEU B 131 -48.67 -2.08 -27.71
CA LEU B 131 -47.54 -2.72 -28.34
C LEU B 131 -47.89 -4.11 -28.84
N GLY B 132 -48.82 -4.81 -28.17
CA GLY B 132 -49.23 -6.13 -28.60
C GLY B 132 -48.45 -7.27 -28.02
N VAL B 133 -47.65 -7.03 -26.98
CA VAL B 133 -46.88 -8.09 -26.32
C VAL B 133 -47.86 -9.05 -25.64
N ILE B 134 -48.88 -8.51 -24.99
CA ILE B 134 -49.87 -9.29 -24.29
C ILE B 134 -51.22 -9.15 -24.99
N ASP B 135 -52.12 -10.10 -24.73
CA ASP B 135 -53.44 -10.10 -25.32
C ASP B 135 -54.54 -9.72 -24.34
N THR B 136 -54.50 -10.23 -23.12
CA THR B 136 -55.48 -9.92 -22.09
C THR B 136 -54.77 -9.34 -20.88
N PRO B 137 -55.41 -8.38 -20.19
CA PRO B 137 -54.74 -7.67 -19.09
C PRO B 137 -54.15 -8.59 -18.03
N ILE B 138 -52.98 -8.21 -17.52
CA ILE B 138 -52.28 -8.95 -16.48
C ILE B 138 -52.78 -8.49 -15.13
N ARG B 139 -53.19 -9.44 -14.29
CA ARG B 139 -53.69 -9.15 -12.95
C ARG B 139 -52.72 -9.75 -11.93
N ILE B 140 -51.89 -8.90 -11.33
CA ILE B 140 -50.93 -9.34 -10.32
C ILE B 140 -51.15 -8.71 -8.97
N MET B 141 -52.16 -7.86 -8.82
CA MET B 141 -52.41 -7.23 -7.53
C MET B 141 -53.04 -8.21 -6.56
N PHE B 142 -52.76 -8.01 -5.27
CA PHE B 142 -53.26 -8.86 -4.20
C PHE B 142 -52.81 -10.31 -4.37
N THR B 143 -51.57 -10.48 -4.81
CA THR B 143 -50.95 -11.78 -5.04
C THR B 143 -49.55 -11.76 -4.44
N PRO B 144 -48.97 -12.93 -4.16
CA PRO B 144 -47.61 -12.95 -3.61
C PRO B 144 -46.58 -12.29 -4.50
N SER B 145 -46.81 -12.25 -5.81
CA SER B 145 -45.83 -11.64 -6.71
C SER B 145 -45.76 -10.13 -6.51
N ALA B 146 -46.88 -9.49 -6.17
CA ALA B 146 -46.90 -8.04 -6.00
C ALA B 146 -46.03 -7.61 -4.84
N VAL B 147 -46.05 -8.37 -3.74
CA VAL B 147 -45.27 -8.01 -2.57
C VAL B 147 -43.78 -8.07 -2.88
N ILE B 148 -43.35 -9.11 -3.61
CA ILE B 148 -41.94 -9.27 -3.90
C ILE B 148 -41.45 -8.16 -4.82
N ILE B 149 -42.30 -7.71 -5.75
CA ILE B 149 -41.93 -6.58 -6.60
C ILE B 149 -41.76 -5.33 -5.74
N GLY B 150 -42.65 -5.12 -4.79
CA GLY B 150 -42.54 -3.93 -3.93
C GLY B 150 -41.33 -3.96 -3.03
N LEU B 151 -41.01 -5.13 -2.47
CA LEU B 151 -39.89 -5.22 -1.55
C LEU B 151 -38.56 -4.98 -2.26
N VAL B 152 -38.43 -5.47 -3.50
CA VAL B 152 -37.20 -5.26 -4.26
C VAL B 152 -36.99 -3.78 -4.52
N TYR B 153 -38.08 -3.08 -4.85
CA TYR B 153 -38.06 -1.63 -5.06
C TYR B 153 -37.43 -0.87 -3.91
N ILE B 154 -37.95 -1.04 -2.70
CA ILE B 154 -37.50 -0.22 -1.58
C ILE B 154 -36.06 -0.56 -1.20
N LEU B 155 -35.72 -1.84 -1.14
CA LEU B 155 -34.46 -2.26 -0.53
C LEU B 155 -33.34 -2.54 -1.53
N LEU B 156 -33.54 -2.29 -2.82
CA LEU B 156 -32.47 -2.59 -3.78
C LEU B 156 -31.23 -1.73 -3.56
N PRO B 157 -31.33 -0.40 -3.34
CA PRO B 157 -30.10 0.37 -3.08
C PRO B 157 -29.28 -0.14 -1.90
N PHE B 158 -29.92 -0.71 -0.89
CA PHE B 158 -29.18 -1.14 0.29
C PHE B 158 -28.26 -2.31 0.00
N MET B 159 -28.57 -3.09 -1.03
CA MET B 159 -27.73 -4.24 -1.36
C MET B 159 -26.58 -3.84 -2.28
N VAL B 160 -26.79 -2.84 -3.13
CA VAL B 160 -25.79 -2.46 -4.12
C VAL B 160 -24.54 -1.93 -3.44
N MET B 161 -24.70 -1.02 -2.47
CA MET B 161 -23.56 -0.31 -1.91
C MET B 161 -22.56 -1.23 -1.21
N PRO B 162 -22.96 -2.17 -0.33
CA PRO B 162 -21.96 -3.10 0.20
C PRO B 162 -21.22 -3.89 -0.86
N LEU B 163 -21.90 -4.29 -1.94
CA LEU B 163 -21.23 -5.06 -2.99
C LEU B 163 -20.23 -4.21 -3.75
N TYR B 164 -20.58 -2.94 -4.02
CA TYR B 164 -19.67 -2.08 -4.77
C TYR B 164 -18.41 -1.79 -3.97
N SER B 165 -18.52 -1.68 -2.66
CA SER B 165 -17.36 -1.45 -1.82
C SER B 165 -16.40 -2.64 -1.85
N SER B 166 -16.94 -3.86 -1.80
CA SER B 166 -16.10 -5.05 -1.82
C SER B 166 -15.41 -5.22 -3.17
N ILE B 167 -16.12 -4.94 -4.26
CA ILE B 167 -15.55 -5.08 -5.59
C ILE B 167 -14.43 -4.09 -5.81
N GLU B 168 -14.62 -2.83 -5.42
CA GLU B 168 -13.62 -1.80 -5.65
C GLU B 168 -12.36 -2.01 -4.81
N LYS B 169 -12.42 -2.79 -3.76
CA LYS B 169 -11.27 -3.08 -2.91
C LYS B 169 -10.49 -4.31 -3.39
N LEU B 170 -10.88 -4.91 -4.51
CA LEU B 170 -10.19 -6.07 -5.02
C LEU B 170 -8.80 -5.68 -5.52
N ASP B 171 -7.91 -6.67 -5.54
CA ASP B 171 -6.55 -6.48 -6.04
C ASP B 171 -6.51 -6.90 -7.51
N LYS B 172 -6.14 -5.99 -8.38
CA LYS B 172 -6.08 -6.29 -9.80
C LYS B 172 -5.10 -7.42 -10.14
N PRO B 173 -3.89 -7.50 -9.58
CA PRO B 173 -2.99 -8.60 -9.95
C PRO B 173 -3.57 -9.98 -9.68
N LEU B 174 -4.40 -10.14 -8.66
CA LEU B 174 -4.98 -11.45 -8.38
C LEU B 174 -5.87 -11.91 -9.54
N LEU B 175 -6.60 -10.97 -10.15
CA LEU B 175 -7.43 -11.31 -11.29
C LEU B 175 -6.60 -11.57 -12.54
N GLU B 176 -5.44 -10.93 -12.66
CA GLU B 176 -4.58 -11.14 -13.81
C GLU B 176 -3.83 -12.47 -13.71
N ALA B 177 -3.49 -12.90 -12.50
CA ALA B 177 -2.77 -14.17 -12.33
C ALA B 177 -3.62 -15.35 -12.79
N ALA B 178 -4.92 -15.33 -12.48
CA ALA B 178 -5.79 -16.42 -12.90
C ALA B 178 -5.89 -16.47 -14.42
N ARG B 179 -6.01 -15.32 -15.07
CA ARG B 179 -6.11 -15.29 -16.52
C ARG B 179 -4.87 -15.86 -17.17
N ASP B 180 -3.70 -15.59 -16.59
CA ASP B 180 -2.45 -16.15 -17.09
C ASP B 180 -2.41 -17.66 -16.97
N LEU B 181 -2.92 -18.22 -15.87
CA LEU B 181 -2.81 -19.64 -15.60
C LEU B 181 -3.85 -20.47 -16.32
N GLY B 182 -4.80 -19.84 -17.03
CA GLY B 182 -5.74 -20.58 -17.85
C GLY B 182 -7.16 -20.60 -17.33
N ALA B 183 -7.63 -19.49 -16.77
CA ALA B 183 -8.97 -19.40 -16.24
C ALA B 183 -9.87 -18.64 -17.20
N SER B 184 -11.01 -19.25 -17.54
CA SER B 184 -12.04 -18.52 -18.23
C SER B 184 -12.72 -17.55 -17.27
N LYS B 185 -13.58 -16.69 -17.81
CA LYS B 185 -14.26 -15.71 -16.97
C LYS B 185 -15.15 -16.40 -15.95
N LEU B 186 -15.69 -17.57 -16.31
CA LEU B 186 -16.56 -18.28 -15.38
C LEU B 186 -15.76 -18.89 -14.22
N GLN B 187 -14.60 -19.47 -14.52
CA GLN B 187 -13.83 -20.15 -13.48
C GLN B 187 -13.17 -19.15 -12.54
N THR B 188 -12.89 -17.95 -13.02
CA THR B 188 -12.38 -16.90 -12.13
C THR B 188 -13.45 -16.49 -11.13
N PHE B 189 -14.70 -16.42 -11.58
CA PHE B 189 -15.80 -16.01 -10.69
C PHE B 189 -16.04 -17.04 -9.59
N ILE B 190 -16.08 -18.31 -9.96
CA ILE B 190 -16.44 -19.35 -8.99
C ILE B 190 -15.34 -19.54 -7.96
N ARG B 191 -14.08 -19.49 -8.39
CA ARG B 191 -12.96 -19.88 -7.54
C ARG B 191 -12.21 -18.73 -6.91
N ILE B 192 -12.35 -17.50 -7.42
CA ILE B 192 -11.57 -16.39 -6.88
C ILE B 192 -12.45 -15.22 -6.45
N ILE B 193 -13.24 -14.68 -7.38
CA ILE B 193 -13.92 -13.42 -7.12
C ILE B 193 -14.97 -13.57 -6.02
N ILE B 194 -15.82 -14.58 -6.12
CA ILE B 194 -16.91 -14.77 -5.17
C ILE B 194 -16.38 -15.02 -3.76
N PRO B 195 -15.43 -15.93 -3.54
CA PRO B 195 -14.89 -16.08 -2.18
C PRO B 195 -14.24 -14.82 -1.63
N LEU B 196 -13.63 -14.01 -2.49
CA LEU B 196 -13.00 -12.78 -2.03
C LEU B 196 -14.02 -11.70 -1.67
N THR B 197 -15.23 -11.79 -2.20
CA THR B 197 -16.28 -10.81 -1.94
C THR B 197 -17.44 -11.38 -1.14
N MET B 198 -17.21 -12.50 -0.43
CA MET B 198 -18.30 -13.10 0.34
C MET B 198 -18.80 -12.23 1.48
N PRO B 199 -17.95 -11.59 2.30
CA PRO B 199 -18.50 -10.72 3.35
C PRO B 199 -19.37 -9.59 2.82
N GLY B 200 -19.10 -9.09 1.62
CA GLY B 200 -19.97 -8.10 1.02
C GLY B 200 -21.36 -8.65 0.72
N ILE B 201 -21.43 -9.92 0.34
CA ILE B 201 -22.72 -10.55 0.06
C ILE B 201 -23.53 -10.72 1.35
N ILE B 202 -22.87 -11.20 2.41
CA ILE B 202 -23.57 -11.42 3.68
C ILE B 202 -24.03 -10.10 4.28
N ALA B 203 -23.23 -9.05 4.15
CA ALA B 203 -23.64 -7.74 4.65
C ALA B 203 -24.88 -7.23 3.91
N GLY B 204 -24.90 -7.39 2.59
CA GLY B 204 -26.07 -6.96 1.83
C GLY B 204 -27.31 -7.76 2.14
N CYS B 205 -27.15 -9.07 2.37
CA CYS B 205 -28.29 -9.92 2.68
C CYS B 205 -28.93 -9.53 3.99
N LEU B 206 -28.12 -9.17 4.99
CA LEU B 206 -28.66 -8.73 6.27
C LEU B 206 -29.47 -7.46 6.12
N LEU B 207 -29.02 -6.54 5.27
CA LEU B 207 -29.69 -5.26 5.10
C LEU B 207 -30.92 -5.34 4.20
N VAL B 208 -31.17 -6.49 3.56
CA VAL B 208 -32.33 -6.64 2.70
C VAL B 208 -33.32 -7.69 3.20
N MET B 209 -32.84 -8.72 3.91
CA MET B 209 -33.74 -9.78 4.37
C MET B 209 -34.52 -9.34 5.61
N LEU B 210 -33.81 -8.99 6.67
CA LEU B 210 -34.49 -8.64 7.92
C LEU B 210 -35.42 -7.45 7.81
N PRO B 211 -35.04 -6.32 7.17
CA PRO B 211 -36.03 -5.24 6.98
C PRO B 211 -37.21 -5.62 6.11
N ALA B 212 -37.07 -6.65 5.26
CA ALA B 212 -38.17 -7.08 4.41
C ALA B 212 -39.21 -7.90 5.14
N MET B 213 -38.95 -8.28 6.39
CA MET B 213 -39.91 -9.02 7.20
C MET B 213 -40.69 -8.13 8.15
N GLY B 214 -40.47 -6.82 8.10
CA GLY B 214 -41.15 -5.92 9.00
C GLY B 214 -41.88 -4.80 8.29
N LEU B 215 -41.78 -4.76 6.96
CA LEU B 215 -42.49 -3.77 6.16
C LEU B 215 -43.94 -4.17 6.06
N PHE B 216 -44.78 -3.58 6.91
CA PHE B 216 -46.19 -3.92 6.94
C PHE B 216 -47.02 -3.13 5.94
N TYR B 217 -46.50 -2.04 5.40
CA TYR B 217 -47.32 -1.22 4.50
C TYR B 217 -47.29 -1.77 3.08
N VAL B 218 -46.32 -2.63 2.76
CA VAL B 218 -46.34 -3.30 1.45
C VAL B 218 -47.46 -4.33 1.40
N SER B 219 -47.61 -5.12 2.47
CA SER B 219 -48.64 -6.14 2.51
C SER B 219 -50.03 -5.53 2.56
N ASP B 220 -50.20 -4.43 3.32
CA ASP B 220 -51.50 -3.80 3.43
C ASP B 220 -51.97 -3.21 2.11
N LEU B 221 -51.06 -2.58 1.37
CA LEU B 221 -51.40 -1.87 0.15
C LEU B 221 -51.29 -2.72 -1.11
N MET B 222 -50.51 -3.80 -1.09
CA MET B 222 -50.25 -4.58 -2.29
C MET B 222 -50.56 -6.07 -2.16
N GLY B 223 -50.65 -6.62 -0.95
CA GLY B 223 -50.81 -8.04 -0.80
C GLY B 223 -52.21 -8.50 -0.44
N GLY B 224 -52.85 -7.81 0.49
CA GLY B 224 -54.18 -8.18 0.92
C GLY B 224 -54.19 -8.83 2.29
N ALA B 225 -55.24 -9.63 2.52
CA ALA B 225 -55.42 -10.27 3.82
C ALA B 225 -54.83 -11.68 3.85
N LYS B 226 -54.70 -12.33 2.69
CA LYS B 226 -54.13 -13.67 2.68
C LYS B 226 -52.62 -13.64 2.76
N ASN B 227 -51.97 -12.65 2.17
CA ASN B 227 -50.52 -12.53 2.14
C ASN B 227 -50.09 -11.46 3.14
N LEU B 228 -49.62 -11.90 4.29
CA LEU B 228 -49.19 -11.03 5.37
C LEU B 228 -47.74 -11.30 5.74
N LEU B 229 -47.10 -10.28 6.29
CA LEU B 229 -45.75 -10.38 6.80
C LEU B 229 -45.79 -10.33 8.33
N ILE B 230 -44.65 -10.69 8.93
CA ILE B 230 -44.58 -10.76 10.39
C ILE B 230 -44.82 -9.40 11.03
N GLY B 231 -44.44 -8.33 10.34
CA GLY B 231 -44.63 -6.99 10.91
C GLY B 231 -46.08 -6.67 11.18
N ASN B 232 -46.99 -7.20 10.36
CA ASN B 232 -48.42 -7.00 10.60
C ASN B 232 -48.85 -7.67 11.90
N VAL B 233 -48.29 -8.85 12.19
CA VAL B 233 -48.66 -9.56 13.41
C VAL B 233 -48.17 -8.79 14.63
N ILE B 234 -46.93 -8.31 14.61
CA ILE B 234 -46.39 -7.58 15.76
C ILE B 234 -47.14 -6.27 15.95
N LYS B 235 -47.49 -5.58 14.87
CA LYS B 235 -48.14 -4.29 15.00
C LYS B 235 -49.50 -4.40 15.69
N VAL B 236 -50.28 -5.42 15.33
CA VAL B 236 -51.61 -5.58 15.90
C VAL B 236 -51.52 -5.87 17.40
N GLN B 237 -50.59 -6.73 17.80
CA GLN B 237 -50.47 -7.10 19.20
C GLN B 237 -49.98 -5.95 20.07
N PHE B 238 -49.27 -4.99 19.48
CA PHE B 238 -48.70 -3.90 20.26
C PHE B 238 -49.53 -2.63 20.26
N LEU B 239 -50.46 -2.49 19.33
CA LEU B 239 -51.22 -1.25 19.19
C LEU B 239 -52.72 -1.43 19.19
N ASN B 240 -53.24 -2.63 18.93
CA ASN B 240 -54.68 -2.85 18.87
C ASN B 240 -55.19 -3.83 19.90
N ILE B 241 -54.59 -5.02 19.99
CA ILE B 241 -55.06 -6.00 20.98
C ILE B 241 -54.39 -5.77 22.32
N ARG B 242 -53.18 -5.19 22.32
CA ARG B 242 -52.42 -4.90 23.54
C ARG B 242 -52.02 -6.16 24.28
N ASP B 243 -51.63 -7.20 23.54
CA ASP B 243 -51.05 -8.42 24.12
C ASP B 243 -49.55 -8.36 23.89
N TRP B 244 -48.87 -7.62 24.77
CA TRP B 244 -47.45 -7.34 24.61
C TRP B 244 -46.56 -8.58 24.74
N PRO B 245 -46.77 -9.48 25.70
CA PRO B 245 -45.88 -10.64 25.80
C PRO B 245 -45.84 -11.51 24.55
N PHE B 246 -46.96 -11.64 23.82
CA PHE B 246 -46.94 -12.40 22.59
C PHE B 246 -46.10 -11.72 21.52
N GLY B 247 -46.17 -10.39 21.44
CA GLY B 247 -45.36 -9.68 20.48
C GLY B 247 -43.88 -9.87 20.70
N ALA B 248 -43.45 -9.94 21.97
CA ALA B 248 -42.06 -10.21 22.28
C ALA B 248 -41.67 -11.61 21.83
N ALA B 249 -42.57 -12.59 22.00
CA ALA B 249 -42.28 -13.95 21.57
C ALA B 249 -42.10 -14.05 20.06
N THR B 250 -42.95 -13.35 19.30
CA THR B 250 -42.83 -13.37 17.85
C THR B 250 -41.54 -12.68 17.39
N SER B 251 -41.18 -11.58 18.04
CA SER B 251 -40.01 -10.82 17.61
C SER B 251 -38.71 -11.57 17.86
N ILE B 252 -38.75 -12.62 18.69
CA ILE B 252 -37.55 -13.39 18.97
C ILE B 252 -37.07 -14.13 17.73
N THR B 253 -37.99 -14.59 16.89
CA THR B 253 -37.61 -15.32 15.69
C THR B 253 -36.73 -14.49 14.78
N LEU B 254 -37.04 -13.19 14.65
CA LEU B 254 -36.19 -12.31 13.87
C LEU B 254 -34.81 -12.16 14.48
N THR B 255 -34.74 -12.08 15.83
CA THR B 255 -33.45 -11.97 16.50
C THR B 255 -32.62 -13.23 16.33
N ILE B 256 -33.25 -14.40 16.39
CA ILE B 256 -32.52 -15.66 16.24
C ILE B 256 -31.89 -15.75 14.86
N VAL B 257 -32.62 -15.36 13.82
CA VAL B 257 -32.07 -15.40 12.46
C VAL B 257 -30.89 -14.45 12.33
N MET B 258 -30.93 -13.32 13.04
CA MET B 258 -29.83 -12.36 12.96
C MET B 258 -28.53 -12.98 13.45
N GLY B 259 -28.59 -13.78 14.51
CA GLY B 259 -27.38 -14.40 15.02
C GLY B 259 -26.75 -15.37 14.04
N LEU B 260 -27.59 -16.12 13.32
CA LEU B 260 -27.07 -17.10 12.37
C LEU B 260 -26.33 -16.41 11.22
N MET B 261 -26.89 -15.32 10.68
CA MET B 261 -26.21 -14.64 9.59
C MET B 261 -24.99 -13.88 10.08
N LEU B 262 -25.03 -13.36 11.30
CA LEU B 262 -23.85 -12.69 11.85
C LEU B 262 -22.69 -13.65 12.04
N LEU B 263 -22.99 -14.88 12.47
CA LEU B 263 -21.94 -15.88 12.66
C LEU B 263 -21.24 -16.20 11.35
N VAL B 264 -21.99 -16.28 10.26
CA VAL B 264 -21.39 -16.54 8.96
C VAL B 264 -20.43 -15.42 8.59
N TYR B 265 -20.79 -14.18 8.92
CA TYR B 265 -19.96 -13.03 8.58
C TYR B 265 -18.61 -13.10 9.30
N TRP B 266 -18.62 -13.46 10.58
CA TRP B 266 -17.37 -13.58 11.32
C TRP B 266 -16.51 -14.72 10.77
N ARG B 267 -17.13 -15.86 10.46
CA ARG B 267 -16.37 -16.99 9.95
C ARG B 267 -15.85 -16.72 8.54
N ALA B 268 -16.63 -16.00 7.74
CA ALA B 268 -16.19 -15.68 6.38
C ALA B 268 -15.02 -14.71 6.39
N SER B 269 -15.00 -13.78 7.36
CA SER B 269 -13.93 -12.80 7.42
C SER B 269 -12.62 -13.41 7.87
N ARG B 270 -12.67 -14.32 8.85
CA ARG B 270 -11.46 -14.91 9.39
C ARG B 270 -10.74 -15.75 8.34
N LEU B 271 -11.49 -16.54 7.57
CA LEU B 271 -10.86 -17.35 6.52
C LEU B 271 -10.23 -16.47 5.46
N LEU B 272 -10.90 -15.39 5.09
CA LEU B 272 -10.40 -14.52 4.03
C LEU B 272 -9.09 -13.84 4.44
N ASN B 273 -9.01 -13.34 5.68
CA ASN B 273 -7.83 -12.63 6.14
C ASN B 273 -6.67 -13.58 6.41
N LEU C 1 -22.60 -1.69 -25.15
CA LEU C 1 -23.99 -1.25 -25.31
C LEU C 1 -24.93 -2.07 -24.46
N LEU C 2 -24.73 -3.39 -24.44
CA LEU C 2 -25.54 -4.25 -23.58
C LEU C 2 -25.31 -3.94 -22.11
N ARG C 3 -24.09 -3.56 -21.73
CA ARG C 3 -23.82 -3.17 -20.35
C ARG C 3 -24.51 -1.86 -19.99
N GLY C 4 -24.51 -0.89 -20.90
CA GLY C 4 -25.20 0.36 -20.63
C GLY C 4 -26.71 0.20 -20.56
N GLY C 5 -27.26 -0.71 -21.38
CA GLY C 5 -28.69 -0.91 -21.38
C GLY C 5 -29.20 -1.47 -20.06
N PHE C 6 -28.43 -2.38 -19.47
CA PHE C 6 -28.82 -2.96 -18.18
C PHE C 6 -28.88 -1.90 -17.09
N MET C 7 -27.90 -0.99 -17.07
CA MET C 7 -27.87 0.05 -16.04
C MET C 7 -29.06 0.99 -16.19
N THR C 8 -29.48 1.27 -17.42
CA THR C 8 -30.63 2.13 -17.64
C THR C 8 -31.92 1.50 -17.10
N ALA C 9 -32.06 0.19 -17.27
CA ALA C 9 -33.28 -0.48 -16.83
C ALA C 9 -33.49 -0.34 -15.33
N ILE C 10 -32.42 -0.47 -14.54
CA ILE C 10 -32.55 -0.35 -13.09
C ILE C 10 -32.91 1.08 -12.70
N TYR C 11 -32.29 2.07 -13.36
CA TYR C 11 -32.64 3.46 -13.07
C TYR C 11 -34.07 3.77 -13.51
N ALA C 12 -34.49 3.20 -14.64
CA ALA C 12 -35.87 3.40 -15.09
C ALA C 12 -36.85 2.71 -14.15
N TYR C 13 -36.43 1.62 -13.52
CA TYR C 13 -37.26 0.94 -12.53
C TYR C 13 -37.65 1.88 -11.39
N LEU C 14 -36.66 2.54 -10.79
CA LEU C 14 -36.90 3.31 -9.57
C LEU C 14 -37.58 4.64 -9.87
N TYR C 15 -37.24 5.26 -11.01
CA TYR C 15 -37.68 6.64 -11.24
C TYR C 15 -39.07 6.72 -11.86
N ILE C 16 -39.60 5.62 -12.38
CA ILE C 16 -40.90 5.68 -13.06
C ILE C 16 -42.04 6.06 -12.11
N PRO C 17 -42.16 5.46 -10.91
CA PRO C 17 -43.23 5.90 -10.01
C PRO C 17 -43.18 7.39 -9.66
N ILE C 18 -41.99 7.95 -9.48
CA ILE C 18 -41.89 9.38 -9.19
C ILE C 18 -42.44 10.21 -10.34
N ILE C 19 -42.11 9.81 -11.57
CA ILE C 19 -42.61 10.53 -12.74
C ILE C 19 -44.13 10.44 -12.81
N ILE C 20 -44.68 9.27 -12.46
CA ILE C 20 -46.12 9.08 -12.52
C ILE C 20 -46.82 10.01 -11.53
N LEU C 21 -46.30 10.08 -10.30
CA LEU C 21 -46.97 10.89 -9.29
C LEU C 21 -46.80 12.38 -9.57
N ILE C 22 -45.70 12.76 -10.22
CA ILE C 22 -45.53 14.15 -10.64
C ILE C 22 -46.53 14.48 -11.74
N VAL C 23 -46.69 13.59 -12.71
CA VAL C 23 -47.59 13.85 -13.83
C VAL C 23 -49.03 13.80 -13.38
N ASN C 24 -49.38 12.80 -12.56
CA ASN C 24 -50.77 12.67 -12.11
C ASN C 24 -51.18 13.81 -11.19
N SER C 25 -50.22 14.61 -10.73
CA SER C 25 -50.57 15.79 -9.95
C SER C 25 -51.39 16.77 -10.76
N PHE C 26 -51.07 16.94 -12.04
CA PHE C 26 -51.80 17.83 -12.92
C PHE C 26 -53.02 17.16 -13.55
N ASN C 27 -53.23 15.88 -13.31
CA ASN C 27 -54.39 15.19 -13.82
C ASN C 27 -55.66 15.65 -13.10
N SER C 28 -56.79 15.53 -13.79
CA SER C 28 -58.07 15.88 -13.20
C SER C 28 -58.74 14.71 -12.50
N SER C 29 -58.37 13.48 -12.87
CA SER C 29 -59.01 12.31 -12.28
C SER C 29 -58.56 12.13 -10.84
N ARG C 30 -59.53 11.89 -9.96
CA ARG C 30 -59.19 11.68 -8.55
C ARG C 30 -58.42 10.39 -8.33
N PHE C 31 -58.79 9.32 -9.05
CA PHE C 31 -58.15 8.02 -8.88
C PHE C 31 -56.76 7.97 -9.51
N GLY C 32 -56.54 8.68 -10.62
CA GLY C 32 -55.23 8.78 -11.22
C GLY C 32 -54.87 7.72 -12.24
N ILE C 33 -55.76 6.74 -12.48
CA ILE C 33 -55.43 5.66 -13.40
C ILE C 33 -55.31 6.18 -14.83
N ASN C 34 -56.26 7.01 -15.27
CA ASN C 34 -56.29 7.51 -16.63
C ASN C 34 -55.83 8.96 -16.67
N TRP C 35 -55.70 9.49 -17.88
CA TRP C 35 -55.36 10.89 -18.10
C TRP C 35 -56.59 11.61 -18.66
N GLN C 36 -57.03 12.66 -17.97
CA GLN C 36 -58.25 13.37 -18.34
C GLN C 36 -58.03 14.88 -18.30
N GLY C 37 -56.96 15.35 -18.91
CA GLY C 37 -56.75 16.77 -19.09
C GLY C 37 -55.75 17.35 -18.09
N PHE C 38 -55.65 18.67 -18.13
CA PHE C 38 -54.68 19.43 -17.35
C PHE C 38 -55.46 20.34 -16.41
N THR C 39 -55.19 20.24 -15.12
CA THR C 39 -55.79 21.13 -14.14
C THR C 39 -54.72 21.60 -13.16
N THR C 40 -55.00 22.74 -12.53
CA THR C 40 -54.11 23.35 -11.55
C THR C 40 -54.78 23.35 -10.17
N LYS C 41 -56.01 22.84 -10.13
CA LYS C 41 -56.87 22.90 -8.95
C LYS C 41 -56.20 22.28 -7.72
N TRP C 42 -55.46 21.19 -7.91
CA TRP C 42 -54.94 20.45 -6.75
C TRP C 42 -53.95 21.29 -5.96
N TYR C 43 -53.10 22.06 -6.64
CA TYR C 43 -52.15 22.92 -5.93
C TYR C 43 -52.88 23.96 -5.09
N SER C 44 -53.91 24.59 -5.66
CA SER C 44 -54.70 25.57 -4.91
C SER C 44 -55.39 24.94 -3.72
N LEU C 45 -55.97 23.75 -3.87
CA LEU C 45 -56.58 23.09 -2.73
C LEU C 45 -55.55 22.71 -1.68
N LEU C 46 -54.34 22.34 -2.09
CA LEU C 46 -53.27 22.05 -1.14
C LEU C 46 -52.89 23.29 -0.35
N MET C 47 -52.85 24.44 -1.01
CA MET C 47 -52.46 25.68 -0.34
C MET C 47 -53.38 26.03 0.83
N ASN C 48 -54.66 25.62 0.76
CA ASN C 48 -55.62 25.92 1.81
C ASN C 48 -55.73 24.83 2.86
N ASN C 49 -55.00 23.73 2.71
CA ASN C 49 -55.06 22.63 3.66
C ASN C 49 -54.05 22.88 4.78
N ASP C 50 -54.51 22.78 6.03
CA ASP C 50 -53.68 23.14 7.18
C ASP C 50 -52.98 21.94 7.80
N SER C 51 -53.69 20.84 8.02
CA SER C 51 -53.07 19.69 8.68
C SER C 51 -51.94 19.10 7.84
N LEU C 52 -52.13 19.04 6.52
CA LEU C 52 -51.09 18.50 5.65
C LEU C 52 -49.82 19.35 5.72
N LEU C 53 -49.96 20.66 5.64
CA LEU C 53 -48.80 21.55 5.71
C LEU C 53 -48.13 21.47 7.07
N GLN C 54 -48.92 21.37 8.14
CA GLN C 54 -48.32 21.23 9.46
C GLN C 54 -47.52 19.94 9.57
N ALA C 55 -48.06 18.84 9.01
CA ALA C 55 -47.32 17.58 9.03
C ALA C 55 -46.02 17.69 8.25
N ALA C 56 -46.06 18.35 7.09
CA ALA C 56 -44.84 18.53 6.31
C ALA C 56 -43.80 19.33 7.10
N GLN C 57 -44.22 20.40 7.76
CA GLN C 57 -43.30 21.21 8.55
C GLN C 57 -42.68 20.39 9.67
N HIS C 58 -43.51 19.58 10.36
CA HIS C 58 -43.00 18.78 11.45
C HIS C 58 -41.97 17.77 10.95
N SER C 59 -42.23 17.13 9.81
CA SER C 59 -41.28 16.18 9.25
C SER C 59 -39.95 16.85 8.91
N LEU C 60 -40.01 18.03 8.28
CA LEU C 60 -38.77 18.73 7.93
C LEU C 60 -37.99 19.14 9.17
N THR C 61 -38.67 19.62 10.20
CA THR C 61 -37.99 20.01 11.43
C THR C 61 -37.29 18.81 12.07
N MET C 62 -37.99 17.67 12.15
CA MET C 62 -37.37 16.47 12.70
C MET C 62 -36.14 16.07 11.91
N ALA C 63 -36.25 16.11 10.57
CA ALA C 63 -35.12 15.72 9.73
C ALA C 63 -33.91 16.60 9.99
N VAL C 64 -34.10 17.92 10.03
CA VAL C 64 -32.98 18.83 10.21
C VAL C 64 -32.32 18.60 11.58
N PHE C 65 -33.13 18.53 12.64
CA PHE C 65 -32.56 18.41 13.98
C PHE C 65 -31.83 17.08 14.15
N SER C 66 -32.45 15.99 13.71
CA SER C 66 -31.82 14.68 13.84
C SER C 66 -30.53 14.62 13.04
N ALA C 67 -30.52 15.19 11.82
CA ALA C 67 -29.31 15.19 11.02
C ALA C 67 -28.19 15.94 11.73
N THR C 68 -28.50 17.11 12.29
CA THR C 68 -27.45 17.90 12.93
C THR C 68 -26.84 17.16 14.13
N PHE C 69 -27.69 16.68 15.04
CA PHE C 69 -27.16 16.03 16.23
C PHE C 69 -26.41 14.73 15.88
N ALA C 70 -26.95 13.94 14.96
CA ALA C 70 -26.27 12.71 14.56
C ALA C 70 -24.94 13.01 13.93
N THR C 71 -24.87 14.03 13.07
CA THR C 71 -23.61 14.41 12.45
C THR C 71 -22.58 14.78 13.51
N LEU C 72 -22.96 15.60 14.48
CA LEU C 72 -22.01 16.02 15.51
C LEU C 72 -21.47 14.82 16.29
N ILE C 73 -22.36 13.98 16.82
CA ILE C 73 -21.92 12.88 17.67
C ILE C 73 -21.10 11.88 16.87
N GLY C 74 -21.54 11.55 15.66
CA GLY C 74 -20.81 10.59 14.85
C GLY C 74 -19.45 11.08 14.42
N SER C 75 -19.34 12.36 14.05
CA SER C 75 -18.05 12.92 13.68
C SER C 75 -17.08 12.88 14.86
N LEU C 76 -17.55 13.25 16.05
CA LEU C 76 -16.66 13.20 17.22
C LEU C 76 -16.22 11.77 17.51
N THR C 77 -17.15 10.80 17.41
CA THR C 77 -16.78 9.42 17.67
C THR C 77 -15.78 8.90 16.64
N ALA C 78 -15.97 9.24 15.37
CA ALA C 78 -15.05 8.80 14.33
C ALA C 78 -13.65 9.38 14.54
N VAL C 79 -13.58 10.66 14.89
CA VAL C 79 -12.28 11.27 15.18
C VAL C 79 -11.63 10.60 16.37
N ALA C 80 -12.44 10.25 17.38
CA ALA C 80 -11.89 9.56 18.55
C ALA C 80 -11.30 8.20 18.18
N LEU C 81 -12.03 7.43 17.36
CA LEU C 81 -11.53 6.11 16.97
C LEU C 81 -10.28 6.21 16.11
N TYR C 82 -10.24 7.17 15.19
CA TYR C 82 -9.10 7.29 14.28
C TYR C 82 -7.87 7.84 14.99
N ARG C 83 -8.06 8.77 15.92
CA ARG C 83 -6.94 9.48 16.52
C ARG C 83 -6.11 8.57 17.42
N TYR C 84 -6.77 7.82 18.30
CA TYR C 84 -6.09 7.03 19.32
C TYR C 84 -5.98 5.57 18.88
N ARG C 85 -5.09 4.85 19.54
CA ARG C 85 -4.99 3.40 19.43
C ARG C 85 -5.16 2.80 20.82
N PHE C 86 -6.18 1.96 20.98
CA PHE C 86 -6.48 1.39 22.28
C PHE C 86 -7.04 -0.01 22.09
N ARG C 87 -7.23 -0.70 23.22
CA ARG C 87 -7.59 -2.12 23.16
C ARG C 87 -9.05 -2.31 22.77
N GLY C 88 -9.91 -1.37 23.11
CA GLY C 88 -11.34 -1.51 22.92
C GLY C 88 -11.88 -1.12 21.56
N LYS C 89 -11.03 -0.73 20.62
CA LYS C 89 -11.52 -0.31 19.32
C LYS C 89 -12.29 -1.39 18.57
N PRO C 90 -11.82 -2.65 18.48
CA PRO C 90 -12.63 -3.68 17.81
C PRO C 90 -13.99 -3.87 18.46
N PHE C 91 -14.08 -3.76 19.78
CA PHE C 91 -15.36 -3.95 20.45
C PHE C 91 -16.34 -2.86 20.05
N VAL C 92 -15.91 -1.60 20.00
CA VAL C 92 -16.80 -0.52 19.60
C VAL C 92 -17.22 -0.69 18.15
N SER C 93 -16.29 -1.09 17.29
CA SER C 93 -16.66 -1.35 15.89
C SER C 93 -17.71 -2.46 15.81
N GLY C 94 -17.57 -3.50 16.63
CA GLY C 94 -18.55 -4.57 16.62
C GLY C 94 -19.92 -4.14 17.11
N MET C 95 -19.95 -3.33 18.18
CA MET C 95 -21.24 -2.82 18.65
C MET C 95 -21.92 -1.97 17.58
N LEU C 96 -21.15 -1.11 16.91
CA LEU C 96 -21.73 -0.29 15.86
C LEU C 96 -22.25 -1.15 14.71
N PHE C 97 -21.50 -2.19 14.34
CA PHE C 97 -21.93 -3.09 13.28
C PHE C 97 -23.23 -3.80 13.65
N VAL C 98 -23.34 -4.28 14.89
CA VAL C 98 -24.55 -4.96 15.33
C VAL C 98 -25.73 -3.99 15.35
N VAL C 99 -25.50 -2.75 15.78
CA VAL C 99 -26.58 -1.76 15.78
C VAL C 99 -27.05 -1.49 14.35
N MET C 100 -26.11 -1.36 13.41
CA MET C 100 -26.48 -1.13 12.02
C MET C 100 -27.27 -2.30 11.44
N MET C 101 -26.85 -3.52 11.70
CA MET C 101 -27.50 -4.70 11.11
C MET C 101 -28.52 -5.28 12.09
N SER C 102 -29.54 -4.48 12.41
CA SER C 102 -30.60 -4.89 13.30
C SER C 102 -31.96 -4.58 12.69
N PRO C 103 -32.98 -5.40 12.96
CA PRO C 103 -34.31 -5.13 12.38
C PRO C 103 -34.88 -3.84 12.93
N ASP C 104 -35.68 -3.16 12.09
CA ASP C 104 -36.30 -1.91 12.53
C ASP C 104 -37.48 -2.16 13.46
N ILE C 105 -38.18 -3.29 13.29
CA ILE C 105 -39.35 -3.55 14.13
C ILE C 105 -38.93 -3.81 15.56
N VAL C 106 -37.82 -4.53 15.77
CA VAL C 106 -37.34 -4.78 17.12
C VAL C 106 -36.87 -3.48 17.77
N MET C 107 -36.14 -2.66 17.03
CA MET C 107 -35.69 -1.36 17.52
C MET C 107 -36.85 -0.43 17.84
N ALA C 108 -37.95 -0.52 17.11
CA ALA C 108 -39.12 0.30 17.42
C ALA C 108 -39.83 -0.18 18.68
N ILE C 109 -40.07 -1.49 18.80
CA ILE C 109 -40.80 -1.97 19.96
C ILE C 109 -39.98 -1.83 21.23
N SER C 110 -38.65 -1.96 21.12
CA SER C 110 -37.79 -1.77 22.29
C SER C 110 -37.88 -0.34 22.81
N LEU C 111 -37.84 0.63 21.90
CA LEU C 111 -37.94 2.02 22.31
C LEU C 111 -39.33 2.32 22.87
N LEU C 112 -40.36 1.69 22.31
CA LEU C 112 -41.70 1.83 22.87
C LEU C 112 -41.76 1.38 24.33
N VAL C 113 -41.26 0.17 24.61
CA VAL C 113 -41.34 -0.33 25.98
C VAL C 113 -40.46 0.49 26.91
N LEU C 114 -39.30 0.97 26.42
CA LEU C 114 -38.45 1.80 27.25
C LEU C 114 -39.12 3.11 27.61
N PHE C 115 -39.76 3.76 26.63
CA PHE C 115 -40.42 5.03 26.90
C PHE C 115 -41.72 4.86 27.67
N MET C 116 -42.33 3.67 27.67
CA MET C 116 -43.48 3.42 28.52
C MET C 116 -43.12 2.96 29.91
N LEU C 117 -41.89 2.50 30.13
CA LEU C 117 -41.41 2.12 31.45
C LEU C 117 -40.77 3.30 32.18
N LEU C 118 -40.62 4.43 31.50
CA LEU C 118 -40.07 5.62 32.13
C LEU C 118 -41.06 6.77 32.24
N GLY C 119 -42.30 6.60 31.78
CA GLY C 119 -43.29 7.66 31.89
C GLY C 119 -42.98 8.88 31.05
N ILE C 120 -42.40 8.69 29.87
CA ILE C 120 -42.09 9.78 28.95
C ILE C 120 -43.17 9.78 27.86
N GLN C 121 -43.83 10.93 27.70
CA GLN C 121 -44.89 11.01 26.70
C GLN C 121 -44.31 10.92 25.30
N LEU C 122 -45.07 10.30 24.40
CA LEU C 122 -44.65 10.12 23.03
C LEU C 122 -44.91 11.39 22.24
N GLY C 123 -43.89 11.88 21.54
CA GLY C 123 -44.00 13.14 20.82
C GLY C 123 -42.69 13.59 20.21
N PHE C 124 -42.34 14.86 20.44
CA PHE C 124 -41.13 15.42 19.87
C PHE C 124 -39.88 14.67 20.32
N TRP C 125 -39.75 14.49 21.64
CA TRP C 125 -38.49 14.01 22.19
C TRP C 125 -38.24 12.55 21.85
N SER C 126 -39.27 11.71 21.96
CA SER C 126 -39.11 10.30 21.61
C SER C 126 -38.71 10.13 20.16
N LEU C 127 -39.39 10.86 19.27
CA LEU C 127 -39.11 10.74 17.84
C LEU C 127 -37.70 11.22 17.51
N LEU C 128 -37.29 12.34 18.11
CA LEU C 128 -35.93 12.85 17.88
C LEU C 128 -34.89 11.84 18.35
N PHE C 129 -35.08 11.27 19.54
CA PHE C 129 -34.13 10.30 20.06
C PHE C 129 -34.03 9.08 19.16
N SER C 130 -35.18 8.57 18.69
CA SER C 130 -35.16 7.39 17.82
C SER C 130 -34.43 7.68 16.52
N HIS C 131 -34.68 8.84 15.92
CA HIS C 131 -34.03 9.17 14.65
C HIS C 131 -32.52 9.29 14.84
N ILE C 132 -32.08 9.96 15.90
CA ILE C 132 -30.64 10.05 16.17
C ILE C 132 -30.05 8.64 16.35
N THR C 133 -30.77 7.78 17.09
CA THR C 133 -30.26 6.45 17.37
C THR C 133 -30.04 5.65 16.10
N PHE C 134 -30.99 5.70 15.17
CA PHE C 134 -30.77 4.89 13.97
C PHE C 134 -30.05 5.64 12.86
N CYS C 135 -29.67 6.90 13.07
CA CYS C 135 -28.83 7.60 12.11
C CYS C 135 -27.34 7.58 12.44
N LEU C 136 -26.97 7.38 13.71
CA LEU C 136 -25.54 7.44 14.09
C LEU C 136 -24.61 6.51 13.31
N PRO C 137 -24.88 5.21 13.16
CA PRO C 137 -23.86 4.31 12.60
C PRO C 137 -23.40 4.69 11.19
N PHE C 138 -24.31 5.17 10.35
CA PHE C 138 -23.92 5.53 8.99
C PHE C 138 -22.95 6.71 8.99
N VAL C 139 -23.21 7.70 9.85
CA VAL C 139 -22.28 8.83 9.98
C VAL C 139 -20.92 8.35 10.44
N VAL C 140 -20.90 7.48 11.45
CA VAL C 140 -19.62 6.99 11.95
C VAL C 140 -18.84 6.28 10.85
N VAL C 141 -19.52 5.41 10.10
CA VAL C 141 -18.86 4.64 9.05
C VAL C 141 -18.32 5.56 7.96
N THR C 142 -19.13 6.53 7.53
CA THR C 142 -18.69 7.45 6.48
C THR C 142 -17.44 8.21 6.90
N VAL C 143 -17.46 8.82 8.09
CA VAL C 143 -16.33 9.65 8.50
C VAL C 143 -15.09 8.79 8.75
N TYR C 144 -15.27 7.60 9.33
CA TYR C 144 -14.12 6.72 9.55
C TYR C 144 -13.48 6.31 8.23
N SER C 145 -14.31 5.95 7.24
CA SER C 145 -13.76 5.55 5.94
C SER C 145 -13.03 6.71 5.29
N ARG C 146 -13.56 7.93 5.41
CA ARG C 146 -12.88 9.08 4.83
C ARG C 146 -11.54 9.33 5.52
N LEU C 147 -11.50 9.22 6.84
CA LEU C 147 -10.29 9.58 7.58
C LEU C 147 -9.20 8.52 7.42
N LYS C 148 -9.59 7.25 7.27
CA LYS C 148 -8.58 6.19 7.22
C LYS C 148 -7.75 6.21 5.96
N GLY C 149 -8.12 7.02 4.96
CA GLY C 149 -7.36 7.14 3.75
C GLY C 149 -6.21 8.12 3.80
N PHE C 150 -5.84 8.59 4.99
CA PHE C 150 -4.75 9.53 5.16
C PHE C 150 -3.76 8.98 6.17
N ASP C 151 -2.51 9.45 6.06
CA ASP C 151 -1.46 9.00 6.96
C ASP C 151 -1.75 9.47 8.39
N VAL C 152 -1.42 8.60 9.36
CA VAL C 152 -1.63 8.93 10.76
C VAL C 152 -0.39 9.57 11.38
N ARG C 153 0.74 9.57 10.68
CA ARG C 153 1.96 10.17 11.20
C ARG C 153 1.93 11.69 11.19
N MET C 154 0.98 12.31 10.49
CA MET C 154 0.89 13.76 10.49
C MET C 154 0.58 14.30 11.88
N LEU C 155 -0.16 13.54 12.69
CA LEU C 155 -0.45 13.98 14.05
C LEU C 155 0.81 13.99 14.90
N GLU C 156 1.65 12.95 14.78
CA GLU C 156 2.93 12.95 15.47
C GLU C 156 3.83 14.09 14.97
N ALA C 157 3.80 14.35 13.66
CA ALA C 157 4.58 15.46 13.12
C ALA C 157 4.11 16.79 13.69
N ALA C 158 2.79 16.97 13.84
CA ALA C 158 2.26 18.17 14.44
C ALA C 158 2.68 18.28 15.91
N LYS C 159 2.71 17.15 16.62
CA LYS C 159 3.18 17.17 18.00
C LYS C 159 4.64 17.64 18.08
N ASP C 160 5.50 17.08 17.23
CA ASP C 160 6.92 17.43 17.28
C ASP C 160 7.16 18.90 16.98
N LEU C 161 6.27 19.53 16.22
CA LEU C 161 6.42 20.91 15.81
C LEU C 161 5.84 21.89 16.82
N GLY C 162 5.25 21.41 17.91
CA GLY C 162 4.79 22.27 18.97
C GLY C 162 3.33 22.67 18.88
N ALA C 163 2.46 21.69 18.68
CA ALA C 163 1.03 21.93 18.56
C ALA C 163 0.28 21.13 19.62
N SER C 164 -0.61 21.78 20.35
CA SER C 164 -1.46 21.09 21.29
C SER C 164 -2.53 20.29 20.54
N GLU C 165 -3.30 19.49 21.30
CA GLU C 165 -4.30 18.64 20.67
C GLU C 165 -5.38 19.46 19.98
N PHE C 166 -5.96 20.44 20.68
CA PHE C 166 -7.04 21.22 20.11
C PHE C 166 -6.61 21.93 18.83
N THR C 167 -5.37 22.38 18.77
CA THR C 167 -4.85 22.96 17.53
C THR C 167 -4.83 21.91 16.42
N ILE C 168 -4.47 20.68 16.77
CA ILE C 168 -4.40 19.60 15.80
C ILE C 168 -5.78 19.25 15.24
N LEU C 169 -6.80 19.38 16.08
CA LEU C 169 -8.17 19.07 15.67
C LEU C 169 -8.88 20.30 15.11
N ARG C 170 -8.18 21.43 15.09
CA ARG C 170 -8.75 22.67 14.58
C ARG C 170 -7.97 23.20 13.38
N LYS C 171 -6.92 22.47 13.00
CA LYS C 171 -6.10 22.86 11.86
C LYS C 171 -5.80 21.75 10.87
N ILE C 172 -5.87 20.47 11.27
CA ILE C 172 -5.45 19.37 10.41
C ILE C 172 -6.60 18.42 10.13
N ILE C 173 -7.23 17.88 11.19
CA ILE C 173 -8.25 16.86 10.99
C ILE C 173 -9.49 17.44 10.32
N LEU C 174 -9.96 18.60 10.81
CA LEU C 174 -11.25 19.10 10.36
C LEU C 174 -11.28 19.46 8.88
N PRO C 175 -10.30 20.19 8.32
CA PRO C 175 -10.37 20.47 6.88
C PRO C 175 -10.31 19.22 6.02
N LEU C 176 -9.69 18.15 6.50
CA LEU C 176 -9.66 16.90 5.75
C LEU C 176 -10.92 16.07 5.93
N ALA C 177 -11.76 16.37 6.91
CA ALA C 177 -12.94 15.58 7.21
C ALA C 177 -14.25 16.31 6.94
N MET C 178 -14.20 17.59 6.56
CA MET C 178 -15.44 18.31 6.28
C MET C 178 -16.27 17.71 5.14
N PRO C 179 -15.69 17.32 3.99
CA PRO C 179 -16.53 16.70 2.95
C PRO C 179 -17.20 15.42 3.38
N ALA C 180 -16.66 14.69 4.36
CA ALA C 180 -17.37 13.56 4.93
C ALA C 180 -18.49 14.00 5.84
N VAL C 181 -18.30 15.10 6.57
CA VAL C 181 -19.35 15.62 7.45
C VAL C 181 -20.57 16.04 6.64
N ALA C 182 -20.35 16.71 5.50
CA ALA C 182 -21.46 17.12 4.66
C ALA C 182 -22.23 15.91 4.15
N ALA C 183 -21.52 14.87 3.70
CA ALA C 183 -22.18 13.66 3.22
C ALA C 183 -22.95 12.98 4.32
N GLY C 184 -22.39 12.94 5.54
CA GLY C 184 -23.12 12.38 6.66
C GLY C 184 -24.41 13.12 6.95
N TRP C 185 -24.36 14.45 6.90
CA TRP C 185 -25.56 15.25 7.11
C TRP C 185 -26.62 14.93 6.06
N VAL C 186 -26.22 14.86 4.80
CA VAL C 186 -27.18 14.59 3.73
C VAL C 186 -27.79 13.20 3.88
N LEU C 187 -26.95 12.20 4.18
CA LEU C 187 -27.45 10.84 4.34
C LEU C 187 -28.41 10.73 5.51
N SER C 188 -28.09 11.38 6.64
CA SER C 188 -28.99 11.36 7.78
C SER C 188 -30.32 12.04 7.46
N PHE C 189 -30.26 13.17 6.74
CA PHE C 189 -31.48 13.85 6.34
C PHE C 189 -32.36 12.94 5.49
N THR C 190 -31.76 12.23 4.53
CA THR C 190 -32.53 11.33 3.68
C THR C 190 -33.15 10.20 4.49
N LEU C 191 -32.36 9.59 5.38
CA LEU C 191 -32.87 8.49 6.18
C LEU C 191 -34.02 8.92 7.09
N SER C 192 -33.92 10.13 7.65
CA SER C 192 -35.00 10.63 8.49
C SER C 192 -36.22 11.03 7.68
N MET C 193 -36.05 11.42 6.41
CA MET C 193 -37.19 11.76 5.57
C MET C 193 -37.86 10.53 4.97
N ASP C 194 -37.21 9.37 5.00
CA ASP C 194 -37.76 8.18 4.36
C ASP C 194 -38.49 7.24 5.34
N ASP C 195 -38.11 7.23 6.61
CA ASP C 195 -38.55 6.19 7.53
C ASP C 195 -40.05 6.26 7.79
N VAL C 196 -40.69 5.08 7.86
CA VAL C 196 -42.11 4.97 8.16
C VAL C 196 -42.40 4.03 9.33
N VAL C 197 -41.55 3.04 9.58
CA VAL C 197 -41.82 1.99 10.57
C VAL C 197 -41.63 2.50 11.99
N VAL C 198 -40.48 3.10 12.29
CA VAL C 198 -40.20 3.54 13.67
C VAL C 198 -41.17 4.65 14.07
N SER C 199 -41.36 5.64 13.20
CA SER C 199 -42.24 6.76 13.50
C SER C 199 -43.66 6.30 13.82
N SER C 200 -44.13 5.25 13.15
CA SER C 200 -45.48 4.76 13.41
C SER C 200 -45.60 4.08 14.76
N PHE C 201 -44.48 3.83 15.45
CA PHE C 201 -44.50 3.22 16.77
C PHE C 201 -44.21 4.21 17.89
N VAL C 202 -43.23 5.10 17.72
CA VAL C 202 -42.74 5.89 18.85
C VAL C 202 -43.30 7.32 18.83
N THR C 203 -44.45 7.54 18.22
CA THR C 203 -45.04 8.87 18.15
C THR C 203 -46.34 8.92 18.93
N GLY C 204 -46.89 10.14 19.04
CA GLY C 204 -48.13 10.36 19.73
C GLY C 204 -49.01 11.39 19.03
N PRO C 205 -50.26 11.52 19.48
CA PRO C 205 -51.17 12.47 18.84
C PRO C 205 -50.71 13.92 18.92
N SER C 206 -49.85 14.27 19.88
CA SER C 206 -49.43 15.65 20.05
C SER C 206 -48.62 16.14 18.85
N TYR C 207 -47.74 15.28 18.34
CA TYR C 207 -46.87 15.62 17.21
C TYR C 207 -47.21 14.69 16.05
N GLU C 208 -47.63 15.27 14.94
CA GLU C 208 -48.07 14.51 13.78
C GLU C 208 -47.15 14.80 12.60
N ILE C 209 -46.71 13.73 11.93
CA ILE C 209 -45.82 13.85 10.78
C ILE C 209 -46.50 13.23 9.55
N LEU C 210 -45.84 13.38 8.41
CA LEU C 210 -46.44 12.98 7.14
C LEU C 210 -46.76 11.48 7.04
N PRO C 211 -45.89 10.55 7.47
CA PRO C 211 -46.26 9.13 7.36
C PRO C 211 -47.63 8.75 7.91
N LEU C 212 -47.90 9.04 9.19
CA LEU C 212 -49.17 8.64 9.76
C LEU C 212 -50.33 9.44 9.19
N LYS C 213 -50.09 10.68 8.81
CA LYS C 213 -51.15 11.47 8.18
C LYS C 213 -51.59 10.84 6.87
N ILE C 214 -50.64 10.38 6.06
CA ILE C 214 -50.99 9.70 4.81
C ILE C 214 -51.60 8.32 5.10
N TYR C 215 -51.09 7.63 6.11
CA TYR C 215 -51.65 6.32 6.47
C TYR C 215 -53.10 6.44 6.88
N SER C 216 -53.48 7.51 7.56
CA SER C 216 -54.88 7.72 7.90
C SER C 216 -55.73 7.94 6.67
N MET C 217 -55.25 8.74 5.72
CA MET C 217 -55.98 8.99 4.48
C MET C 217 -56.10 7.75 3.61
N VAL C 218 -55.20 6.78 3.78
CA VAL C 218 -55.26 5.57 2.96
C VAL C 218 -56.59 4.83 3.14
N LYS C 219 -57.08 4.73 4.37
CA LYS C 219 -58.31 3.98 4.63
C LYS C 219 -59.52 4.56 3.91
N VAL C 220 -59.46 5.82 3.52
CA VAL C 220 -60.56 6.48 2.81
C VAL C 220 -60.23 6.71 1.34
N GLY C 221 -58.99 7.07 1.04
CA GLY C 221 -58.57 7.38 -0.31
C GLY C 221 -57.64 8.56 -0.35
N VAL C 222 -56.58 8.47 -1.13
CA VAL C 222 -55.54 9.50 -1.20
C VAL C 222 -55.89 10.46 -2.33
N SER C 223 -56.21 11.69 -1.99
CA SER C 223 -56.50 12.70 -2.99
C SER C 223 -55.21 13.13 -3.69
N PRO C 224 -55.32 13.61 -4.93
CA PRO C 224 -54.12 14.06 -5.64
C PRO C 224 -53.43 15.26 -5.01
N GLU C 225 -53.96 15.76 -3.89
CA GLU C 225 -53.27 16.81 -3.16
C GLU C 225 -51.95 16.30 -2.60
N VAL C 226 -51.89 15.02 -2.25
CA VAL C 226 -50.66 14.42 -1.78
C VAL C 226 -49.60 14.44 -2.86
N ASN C 227 -49.99 14.16 -4.11
CA ASN C 227 -49.05 14.25 -5.22
C ASN C 227 -48.53 15.68 -5.39
N ALA C 228 -49.38 16.68 -5.09
CA ALA C 228 -48.94 18.06 -5.18
C ALA C 228 -47.95 18.41 -4.07
N LEU C 229 -48.04 17.71 -2.94
CA LEU C 229 -47.07 17.93 -1.86
C LEU C 229 -45.73 17.29 -2.20
N ALA C 230 -45.75 16.12 -2.83
CA ALA C 230 -44.52 15.38 -3.09
C ALA C 230 -43.64 16.12 -4.09
N THR C 231 -44.24 16.78 -5.07
CA THR C 231 -43.43 17.47 -6.09
C THR C 231 -42.72 18.67 -5.51
N ILE C 232 -43.38 19.41 -4.61
CA ILE C 232 -42.72 20.55 -3.97
C ILE C 232 -41.60 20.09 -3.07
N LEU C 233 -41.84 19.01 -2.31
CA LEU C 233 -40.81 18.51 -1.40
C LEU C 233 -39.56 18.07 -2.14
N LEU C 234 -39.70 17.68 -3.41
CA LEU C 234 -38.54 17.32 -4.21
C LEU C 234 -37.64 18.52 -4.45
N VAL C 235 -38.25 19.67 -4.78
CA VAL C 235 -37.47 20.87 -5.08
C VAL C 235 -36.83 21.42 -3.81
N LEU C 236 -37.59 21.46 -2.71
CA LEU C 236 -37.05 21.97 -1.45
C LEU C 236 -35.91 21.10 -0.94
N SER C 237 -36.03 19.79 -1.06
CA SER C 237 -34.96 18.90 -0.63
C SER C 237 -33.75 19.01 -1.56
N LEU C 238 -33.98 19.35 -2.83
CA LEU C 238 -32.88 19.48 -3.78
C LEU C 238 -31.95 20.62 -3.40
N VAL C 239 -32.52 21.78 -3.05
CA VAL C 239 -31.70 22.96 -2.80
C VAL C 239 -30.89 22.81 -1.52
N MET C 240 -31.41 22.04 -0.54
CA MET C 240 -30.66 21.83 0.70
C MET C 240 -29.37 21.06 0.44
N VAL C 241 -29.43 20.07 -0.45
CA VAL C 241 -28.22 19.34 -0.82
C VAL C 241 -27.25 20.24 -1.58
N ILE C 242 -27.79 21.08 -2.48
CA ILE C 242 -26.94 22.00 -3.24
C ILE C 242 -26.24 22.97 -2.31
N ALA C 243 -26.96 23.49 -1.31
CA ALA C 243 -26.35 24.43 -0.37
C ALA C 243 -25.25 23.76 0.44
N SER C 244 -25.45 22.50 0.84
CA SER C 244 -24.49 21.83 1.70
C SER C 244 -23.14 21.65 1.02
N GLN C 245 -23.15 21.33 -0.28
CA GLN C 245 -21.90 21.17 -1.00
C GLN C 245 -21.14 22.50 -1.08
N LEU C 246 -21.86 23.59 -1.34
CA LEU C 246 -21.22 24.90 -1.46
C LEU C 246 -20.59 25.33 -0.13
N ILE C 247 -21.29 25.09 0.97
CA ILE C 247 -20.75 25.45 2.28
C ILE C 247 -19.50 24.62 2.59
N ALA C 248 -19.54 23.33 2.28
CA ALA C 248 -18.39 22.47 2.53
C ALA C 248 -17.21 22.85 1.64
N ARG C 249 -17.50 23.37 0.44
CA ARG C 249 -16.45 23.80 -0.48
C ARG C 249 -15.76 25.06 0.04
N PRO D 1 14.94 -19.20 -32.81
CA PRO D 1 13.91 -18.17 -32.74
C PRO D 1 12.67 -18.62 -32.00
N LEU D 2 12.38 -18.00 -30.87
CA LEU D 2 11.22 -18.34 -30.05
C LEU D 2 10.12 -17.29 -30.17
N VAL D 3 10.45 -16.03 -29.89
CA VAL D 3 9.52 -14.91 -30.03
C VAL D 3 10.15 -13.87 -30.94
N GLN D 4 9.39 -13.46 -31.94
CA GLN D 4 9.84 -12.43 -32.89
C GLN D 4 8.82 -11.31 -32.90
N LEU D 5 9.30 -10.09 -32.65
CA LEU D 5 8.45 -8.91 -32.59
C LEU D 5 8.79 -8.01 -33.77
N ALA D 6 7.79 -7.62 -34.55
CA ALA D 6 7.99 -6.82 -35.75
C ALA D 6 7.02 -5.65 -35.75
N GLY D 7 7.55 -4.43 -35.67
CA GLY D 7 6.76 -3.23 -35.78
C GLY D 7 5.69 -3.04 -34.72
N ILE D 8 6.01 -3.31 -33.46
CA ILE D 8 5.03 -3.17 -32.39
C ILE D 8 4.92 -1.71 -32.00
N ARG D 9 3.68 -1.23 -31.89
CA ARG D 9 3.40 0.13 -31.43
C ARG D 9 2.33 0.08 -30.35
N LYS D 10 2.41 1.03 -29.42
CA LYS D 10 1.46 1.08 -28.31
C LYS D 10 1.37 2.50 -27.80
N CYS D 11 0.15 2.98 -27.58
CA CYS D 11 -0.11 4.30 -27.03
C CYS D 11 -1.07 4.19 -25.87
N PHE D 12 -0.78 4.90 -24.79
CA PHE D 12 -1.57 4.85 -23.58
C PHE D 12 -1.83 6.28 -23.11
N ASP D 13 -3.09 6.67 -23.05
CA ASP D 13 -3.50 8.05 -22.76
C ASP D 13 -2.83 9.03 -23.72
N GLY D 14 -2.76 8.67 -24.99
CA GLY D 14 -2.22 9.52 -26.03
C GLY D 14 -0.71 9.59 -26.08
N LYS D 15 -0.02 9.22 -25.01
CA LYS D 15 1.44 9.30 -24.97
C LYS D 15 2.03 8.00 -25.51
N GLU D 16 2.94 8.12 -26.47
CA GLU D 16 3.58 6.95 -27.05
C GLU D 16 4.53 6.31 -26.04
N VAL D 17 4.44 4.98 -25.92
CA VAL D 17 5.29 4.26 -24.98
C VAL D 17 6.23 3.35 -25.76
N ILE D 18 5.81 2.92 -26.95
CA ILE D 18 6.65 2.10 -27.83
C ILE D 18 6.53 2.62 -29.25
N PRO D 19 7.48 3.42 -29.73
CA PRO D 19 7.41 3.90 -31.12
C PRO D 19 7.44 2.78 -32.15
N GLN D 20 8.50 1.98 -32.14
CA GLN D 20 8.66 0.88 -33.08
C GLN D 20 9.76 -0.03 -32.55
N LEU D 21 9.45 -1.31 -32.40
CA LEU D 21 10.34 -2.24 -31.70
C LEU D 21 10.50 -3.51 -32.51
N ASP D 22 11.73 -3.86 -32.81
CA ASP D 22 12.07 -5.14 -33.45
C ASP D 22 13.00 -5.91 -32.53
N LEU D 23 12.65 -7.15 -32.23
CA LEU D 23 13.38 -7.95 -31.25
C LEU D 23 13.18 -9.42 -31.54
N THR D 24 14.20 -10.22 -31.26
CA THR D 24 14.15 -11.66 -31.42
C THR D 24 14.73 -12.30 -30.17
N ILE D 25 13.95 -13.19 -29.56
CA ILE D 25 14.35 -13.91 -28.35
C ILE D 25 14.59 -15.36 -28.74
N ASN D 26 15.78 -15.86 -28.42
CA ASN D 26 16.20 -17.18 -28.86
C ASN D 26 15.78 -18.22 -27.83
N ASN D 27 16.32 -19.43 -27.97
CA ASN D 27 15.94 -20.58 -27.15
C ASN D 27 17.07 -20.95 -26.20
N GLY D 28 16.74 -21.11 -24.92
CA GLY D 28 17.69 -21.56 -23.93
C GLY D 28 18.68 -20.51 -23.49
N GLU D 29 18.19 -19.35 -23.07
CA GLU D 29 19.07 -18.26 -22.70
C GLU D 29 18.41 -17.39 -21.65
N PHE D 30 19.23 -16.55 -21.00
CA PHE D 30 18.80 -15.62 -19.97
C PHE D 30 18.89 -14.21 -20.56
N LEU D 31 17.76 -13.52 -20.62
CA LEU D 31 17.70 -12.18 -21.20
C LEU D 31 17.15 -11.20 -20.17
N THR D 32 17.82 -10.06 -20.03
CA THR D 32 17.40 -9.02 -19.10
C THR D 32 17.18 -7.72 -19.85
N LEU D 33 16.03 -7.09 -19.60
CA LEU D 33 15.73 -5.77 -20.13
C LEU D 33 16.02 -4.74 -19.04
N LEU D 34 17.04 -3.92 -19.26
CA LEU D 34 17.54 -3.02 -18.24
C LEU D 34 17.45 -1.59 -18.74
N GLY D 35 16.96 -0.69 -17.89
CA GLY D 35 16.85 0.70 -18.23
C GLY D 35 16.36 1.54 -17.07
N PRO D 36 16.26 2.85 -17.29
CA PRO D 36 15.75 3.73 -16.23
C PRO D 36 14.26 3.54 -15.99
N SER D 37 13.73 4.21 -14.96
CA SER D 37 12.33 4.05 -14.61
C SER D 37 11.45 4.62 -15.71
N GLY D 38 10.40 3.88 -16.07
CA GLY D 38 9.45 4.32 -17.06
C GLY D 38 10.02 4.41 -18.47
N CYS D 39 10.37 3.26 -19.05
CA CYS D 39 10.86 3.21 -20.41
C CYS D 39 10.15 2.16 -21.27
N GLY D 40 9.07 1.56 -20.76
CA GLY D 40 8.28 0.65 -21.57
C GLY D 40 8.70 -0.80 -21.53
N LYS D 41 9.47 -1.22 -20.53
CA LYS D 41 9.82 -2.64 -20.40
C LYS D 41 8.62 -3.45 -19.94
N THR D 42 7.89 -2.95 -18.94
CA THR D 42 6.71 -3.64 -18.45
C THR D 42 5.66 -3.79 -19.53
N THR D 43 5.55 -2.79 -20.42
CA THR D 43 4.62 -2.91 -21.53
C THR D 43 5.00 -4.05 -22.47
N VAL D 44 6.30 -4.20 -22.75
CA VAL D 44 6.74 -5.32 -23.58
C VAL D 44 6.43 -6.65 -22.90
N LEU D 45 6.68 -6.73 -21.60
CA LEU D 45 6.45 -7.96 -20.87
C LEU D 45 4.97 -8.33 -20.89
N ARG D 46 4.09 -7.35 -20.66
CA ARG D 46 2.66 -7.61 -20.67
C ARG D 46 2.15 -7.91 -22.07
N LEU D 47 2.75 -7.29 -23.09
CA LEU D 47 2.37 -7.60 -24.46
C LEU D 47 2.70 -9.04 -24.82
N ILE D 48 3.87 -9.52 -24.43
CA ILE D 48 4.21 -10.92 -24.67
C ILE D 48 3.29 -11.83 -23.87
N ALA D 49 3.04 -11.49 -22.60
CA ALA D 49 2.23 -12.34 -21.74
C ALA D 49 0.79 -12.43 -22.20
N GLY D 50 0.30 -11.45 -22.94
CA GLY D 50 -1.06 -11.45 -23.42
C GLY D 50 -2.05 -10.63 -22.62
N LEU D 51 -1.58 -9.83 -21.68
CA LEU D 51 -2.46 -9.01 -20.86
C LEU D 51 -2.75 -7.65 -21.49
N GLU D 52 -2.15 -7.34 -22.63
CA GLU D 52 -2.46 -6.13 -23.37
C GLU D 52 -2.40 -6.43 -24.86
N THR D 53 -3.10 -5.61 -25.65
CA THR D 53 -3.23 -5.81 -27.08
C THR D 53 -2.51 -4.70 -27.83
N VAL D 54 -1.75 -5.09 -28.85
CA VAL D 54 -0.95 -4.13 -29.60
C VAL D 54 -1.84 -3.32 -30.53
N ASP D 55 -1.33 -2.14 -30.91
CA ASP D 55 -1.99 -1.31 -31.91
C ASP D 55 -1.51 -1.59 -33.33
N SER D 56 -0.31 -2.13 -33.48
CA SER D 56 0.20 -2.53 -34.79
C SER D 56 1.32 -3.54 -34.59
N GLY D 57 1.62 -4.28 -35.65
CA GLY D 57 2.72 -5.22 -35.63
C GLY D 57 2.26 -6.64 -35.39
N ARG D 58 3.25 -7.53 -35.32
CA ARG D 58 3.02 -8.95 -35.17
C ARG D 58 3.88 -9.53 -34.05
N ILE D 59 3.34 -10.55 -33.38
CA ILE D 59 4.06 -11.34 -32.39
C ILE D 59 3.96 -12.80 -32.80
N MET D 60 5.11 -13.49 -32.80
CA MET D 60 5.17 -14.89 -33.20
C MET D 60 5.79 -15.72 -32.09
N LEU D 61 5.31 -16.95 -31.95
CA LEU D 61 5.88 -17.91 -31.00
C LEU D 61 5.95 -19.26 -31.70
N ASP D 62 7.16 -19.67 -32.07
CA ASP D 62 7.39 -20.90 -32.84
C ASP D 62 6.66 -20.84 -34.18
N ASN D 63 6.79 -19.71 -34.86
CA ASN D 63 6.24 -19.46 -36.19
C ASN D 63 4.73 -19.63 -36.28
N GLU D 64 4.00 -19.33 -35.20
CA GLU D 64 2.55 -19.23 -35.27
C GLU D 64 2.12 -17.90 -34.66
N ASP D 65 1.23 -17.19 -35.34
CA ASP D 65 0.86 -15.85 -34.93
C ASP D 65 -0.02 -15.89 -33.69
N ILE D 66 0.32 -15.09 -32.68
CA ILE D 66 -0.41 -15.09 -31.42
C ILE D 66 -0.81 -13.66 -31.06
N THR D 67 -0.90 -12.80 -32.07
CA THR D 67 -1.21 -11.39 -31.81
C THR D 67 -2.57 -11.22 -31.13
N HIS D 68 -3.58 -11.96 -31.60
CA HIS D 68 -4.93 -11.82 -31.09
C HIS D 68 -5.37 -12.98 -30.22
N VAL D 69 -4.51 -13.95 -29.97
CA VAL D 69 -4.87 -15.07 -29.10
C VAL D 69 -4.94 -14.57 -27.65
N PRO D 70 -5.98 -14.94 -26.89
CA PRO D 70 -6.05 -14.52 -25.49
C PRO D 70 -4.96 -15.15 -24.64
N ALA D 71 -4.82 -14.68 -23.39
CA ALA D 71 -3.72 -15.10 -22.55
C ALA D 71 -3.88 -16.53 -22.05
N GLU D 72 -5.09 -17.07 -22.02
CA GLU D 72 -5.29 -18.41 -21.49
C GLU D 72 -4.76 -19.47 -22.44
N ASN D 73 -4.60 -19.14 -23.72
CA ASN D 73 -4.21 -20.10 -24.73
C ASN D 73 -2.75 -19.98 -25.16
N ARG D 74 -1.99 -19.05 -24.58
CA ARG D 74 -0.57 -18.97 -24.84
C ARG D 74 0.20 -19.84 -23.84
N TYR D 75 1.34 -20.36 -24.28
CA TYR D 75 2.21 -21.14 -23.42
C TYR D 75 3.28 -20.27 -22.76
N VAL D 76 2.85 -19.19 -22.12
CA VAL D 76 3.73 -18.27 -21.43
C VAL D 76 3.18 -18.03 -20.03
N ASN D 77 4.06 -18.11 -19.02
CA ASN D 77 3.68 -17.91 -17.64
C ASN D 77 4.52 -16.79 -17.04
N THR D 78 3.92 -16.03 -16.13
CA THR D 78 4.52 -14.81 -15.61
C THR D 78 4.60 -14.85 -14.09
N VAL D 79 5.68 -14.31 -13.54
CA VAL D 79 5.83 -14.10 -12.10
C VAL D 79 5.67 -12.62 -11.84
N PHE D 80 4.70 -12.27 -10.99
CA PHE D 80 4.35 -10.87 -10.77
C PHE D 80 5.24 -10.26 -9.68
N GLN D 81 5.28 -8.94 -9.67
CA GLN D 81 6.14 -8.24 -8.72
C GLN D 81 5.67 -8.41 -7.28
N SER D 82 4.36 -8.47 -7.07
CA SER D 82 3.78 -8.49 -5.73
C SER D 82 3.37 -9.89 -5.28
N TYR D 83 3.66 -10.93 -6.06
CA TYR D 83 3.38 -12.32 -5.67
C TYR D 83 1.90 -12.51 -5.39
N ALA D 84 1.10 -12.51 -6.47
CA ALA D 84 -0.35 -12.50 -6.38
C ALA D 84 -0.91 -13.35 -5.24
N LEU D 85 -0.64 -14.66 -5.25
CA LEU D 85 -0.76 -15.51 -4.07
C LEU D 85 -2.14 -15.42 -3.41
N PHE D 86 -3.14 -15.98 -4.09
CA PHE D 86 -4.52 -16.08 -3.62
C PHE D 86 -4.56 -16.42 -2.12
N PRO D 87 -5.26 -15.62 -1.31
CA PRO D 87 -5.16 -15.78 0.15
C PRO D 87 -5.98 -16.92 0.72
N HIS D 88 -6.99 -17.43 0.01
CA HIS D 88 -7.87 -18.43 0.55
C HIS D 88 -7.48 -19.86 0.21
N MET D 89 -6.30 -20.07 -0.38
CA MET D 89 -5.83 -21.38 -0.76
C MET D 89 -4.51 -21.68 -0.08
N THR D 90 -4.22 -22.96 0.07
CA THR D 90 -2.94 -23.41 0.61
C THR D 90 -1.88 -23.38 -0.49
N VAL D 91 -0.63 -23.67 -0.13
CA VAL D 91 0.44 -23.69 -1.13
C VAL D 91 0.21 -24.78 -2.15
N PHE D 92 -0.23 -25.96 -1.71
CA PHE D 92 -0.50 -27.06 -2.63
C PHE D 92 -1.51 -26.66 -3.70
N GLU D 93 -2.63 -26.07 -3.28
CA GLU D 93 -3.65 -25.65 -4.23
C GLU D 93 -3.19 -24.48 -5.08
N ASN D 94 -2.40 -23.57 -4.51
CA ASN D 94 -1.82 -22.49 -5.31
C ASN D 94 -1.02 -23.05 -6.47
N VAL D 95 -0.16 -24.04 -6.20
CA VAL D 95 0.65 -24.62 -7.26
C VAL D 95 -0.21 -25.42 -8.23
N ALA D 96 -1.23 -26.12 -7.72
CA ALA D 96 -2.03 -27.01 -8.55
C ALA D 96 -3.16 -26.32 -9.28
N PHE D 97 -3.34 -25.01 -9.11
CA PHE D 97 -4.41 -24.28 -9.78
C PHE D 97 -4.34 -24.45 -11.30
N GLY D 98 -3.18 -24.18 -11.88
CA GLY D 98 -3.05 -24.25 -13.34
C GLY D 98 -3.25 -25.65 -13.89
N LEU D 99 -2.73 -26.67 -13.20
CA LEU D 99 -2.99 -28.04 -13.61
C LEU D 99 -4.47 -28.39 -13.51
N ARG D 100 -5.13 -27.95 -12.44
CA ARG D 100 -6.53 -28.26 -12.25
C ARG D 100 -7.41 -27.62 -13.30
N MET D 101 -6.98 -26.48 -13.84
CA MET D 101 -7.80 -25.73 -14.78
C MET D 101 -7.46 -25.98 -16.25
N GLN D 102 -6.63 -26.97 -16.54
CA GLN D 102 -6.41 -27.42 -17.91
C GLN D 102 -6.96 -28.81 -18.16
N LYS D 103 -7.81 -29.32 -17.26
CA LYS D 103 -8.42 -30.64 -17.37
C LYS D 103 -7.37 -31.74 -17.44
N THR D 104 -6.61 -31.86 -16.35
CA THR D 104 -5.53 -32.82 -16.19
C THR D 104 -6.02 -33.99 -15.33
N PRO D 105 -5.67 -35.23 -15.72
CA PRO D 105 -6.08 -36.39 -14.94
C PRO D 105 -5.56 -36.32 -13.50
N ALA D 106 -6.40 -36.77 -12.57
CA ALA D 106 -6.15 -36.57 -11.15
C ALA D 106 -4.96 -37.35 -10.63
N ALA D 107 -4.48 -38.35 -11.35
CA ALA D 107 -3.39 -39.17 -10.84
C ALA D 107 -2.04 -38.44 -10.90
N GLU D 108 -1.88 -37.50 -11.83
CA GLU D 108 -0.61 -36.84 -12.04
C GLU D 108 -0.47 -35.51 -11.32
N ILE D 109 -1.53 -35.01 -10.69
CA ILE D 109 -1.47 -33.68 -10.09
C ILE D 109 -0.54 -33.67 -8.89
N THR D 110 -0.70 -34.65 -7.99
CA THR D 110 0.09 -34.63 -6.76
C THR D 110 1.59 -34.80 -7.00
N PRO D 111 2.06 -35.79 -7.77
CA PRO D 111 3.52 -35.89 -7.99
C PRO D 111 4.13 -34.68 -8.67
N ARG D 112 3.45 -34.09 -9.64
CA ARG D 112 3.99 -32.92 -10.33
C ARG D 112 4.13 -31.74 -9.37
N VAL D 113 3.10 -31.49 -8.56
CA VAL D 113 3.15 -30.38 -7.62
C VAL D 113 4.24 -30.63 -6.58
N MET D 114 4.36 -31.86 -6.10
CA MET D 114 5.39 -32.16 -5.13
C MET D 114 6.78 -31.95 -5.72
N GLU D 115 7.00 -32.36 -6.96
CA GLU D 115 8.30 -32.16 -7.59
C GLU D 115 8.60 -30.68 -7.79
N ALA D 116 7.60 -29.90 -8.21
CA ALA D 116 7.81 -28.47 -8.39
C ALA D 116 8.13 -27.78 -7.06
N LEU D 117 7.44 -28.18 -5.99
CA LEU D 117 7.76 -27.62 -4.68
C LEU D 117 9.15 -28.04 -4.22
N ARG D 118 9.57 -29.26 -4.56
CA ARG D 118 10.89 -29.73 -4.19
C ARG D 118 12.00 -28.97 -4.91
N MET D 119 11.77 -28.60 -6.18
CA MET D 119 12.79 -27.85 -6.92
C MET D 119 13.10 -26.50 -6.29
N VAL D 120 12.18 -25.94 -5.51
CA VAL D 120 12.38 -24.66 -4.85
C VAL D 120 12.51 -24.80 -3.35
N GLN D 121 12.73 -26.03 -2.85
CA GLN D 121 13.00 -26.29 -1.44
C GLN D 121 11.86 -25.80 -0.53
N LEU D 122 10.65 -26.27 -0.82
CA LEU D 122 9.47 -26.01 -0.01
C LEU D 122 8.61 -27.25 0.14
N GLU D 123 9.22 -28.43 0.19
CA GLU D 123 8.45 -29.67 0.19
C GLU D 123 7.72 -29.90 1.51
N THR D 124 8.19 -29.32 2.61
CA THR D 124 7.57 -29.56 3.91
C THR D 124 6.52 -28.54 4.28
N PHE D 125 6.53 -27.36 3.65
CA PHE D 125 5.48 -26.37 3.86
C PHE D 125 4.37 -26.51 2.84
N ALA D 126 3.85 -27.73 2.70
CA ALA D 126 2.82 -28.00 1.69
C ALA D 126 1.45 -27.48 2.09
N GLN D 127 1.13 -27.50 3.39
CA GLN D 127 -0.18 -27.10 3.89
C GLN D 127 0.01 -25.92 4.83
N ARG D 128 0.09 -24.72 4.24
CA ARG D 128 0.20 -23.48 4.99
C ARG D 128 -0.35 -22.36 4.12
N LYS D 129 -1.10 -21.46 4.71
CA LYS D 129 -1.67 -20.35 3.99
C LYS D 129 -0.59 -19.30 3.69
N PRO D 130 -0.77 -18.51 2.63
CA PRO D 130 0.27 -17.53 2.28
C PRO D 130 0.25 -16.29 3.17
N HIS D 131 0.15 -16.47 4.47
CA HIS D 131 0.32 -15.37 5.42
C HIS D 131 1.18 -15.83 6.58
N GLN D 132 1.46 -17.14 6.63
CA GLN D 132 2.38 -17.70 7.60
C GLN D 132 3.80 -17.82 7.05
N LEU D 133 4.03 -17.39 5.82
CA LEU D 133 5.33 -17.47 5.18
C LEU D 133 5.97 -16.08 5.12
N SER D 134 7.26 -16.07 4.82
CA SER D 134 8.01 -14.82 4.71
C SER D 134 8.16 -14.44 3.24
N GLY D 135 8.97 -13.42 2.98
CA GLY D 135 9.11 -12.92 1.61
C GLY D 135 9.72 -13.94 0.68
N GLY D 136 10.82 -14.58 1.12
CA GLY D 136 11.48 -15.54 0.25
C GLY D 136 10.61 -16.74 -0.05
N GLN D 137 9.89 -17.20 0.96
CA GLN D 137 8.99 -18.34 0.80
C GLN D 137 7.91 -18.01 -0.22
N GLN D 138 7.29 -16.84 -0.07
CA GLN D 138 6.25 -16.41 -1.00
C GLN D 138 6.78 -16.31 -2.42
N GLN D 139 7.99 -15.77 -2.58
CA GLN D 139 8.61 -15.69 -3.90
C GLN D 139 8.81 -17.06 -4.50
N ARG D 140 9.29 -18.01 -3.70
CA ARG D 140 9.52 -19.36 -4.21
C ARG D 140 8.21 -20.04 -4.55
N VAL D 141 7.15 -19.78 -3.79
CA VAL D 141 5.84 -20.31 -4.15
C VAL D 141 5.38 -19.77 -5.49
N ALA D 142 5.59 -18.47 -5.72
CA ALA D 142 5.19 -17.88 -7.00
C ALA D 142 5.96 -18.51 -8.16
N ILE D 143 7.28 -18.71 -7.99
CA ILE D 143 8.07 -19.33 -9.05
C ILE D 143 7.60 -20.76 -9.30
N ALA D 144 7.33 -21.51 -8.24
CA ALA D 144 6.87 -22.89 -8.40
C ALA D 144 5.53 -22.94 -9.11
N ARG D 145 4.64 -22.00 -8.78
CA ARG D 145 3.35 -21.92 -9.46
C ARG D 145 3.54 -21.64 -10.95
N ALA D 146 4.49 -20.76 -11.29
CA ALA D 146 4.70 -20.41 -12.69
C ALA D 146 5.28 -21.59 -13.47
N VAL D 147 6.24 -22.32 -12.90
CA VAL D 147 7.01 -23.29 -13.68
C VAL D 147 6.42 -24.70 -13.71
N VAL D 148 5.28 -24.94 -13.06
CA VAL D 148 4.75 -26.29 -13.02
C VAL D 148 3.93 -26.64 -14.26
N ASN D 149 3.56 -25.66 -15.07
CA ASN D 149 2.82 -25.92 -16.29
C ASN D 149 3.71 -26.28 -17.46
N LYS D 150 5.03 -26.34 -17.26
CA LYS D 150 6.02 -26.57 -18.31
C LYS D 150 5.85 -25.54 -19.42
N PRO D 151 6.14 -24.27 -19.15
CA PRO D 151 5.94 -23.24 -20.17
C PRO D 151 7.11 -23.15 -21.13
N ARG D 152 6.85 -22.51 -22.28
CA ARG D 152 7.89 -22.30 -23.28
C ARG D 152 8.69 -21.03 -23.02
N LEU D 153 8.26 -20.19 -22.09
CA LEU D 153 8.92 -18.92 -21.81
C LEU D 153 8.41 -18.39 -20.49
N LEU D 154 9.32 -18.09 -19.57
CA LEU D 154 8.98 -17.55 -18.26
C LEU D 154 9.32 -16.07 -18.21
N LEU D 155 8.36 -15.27 -17.77
CA LEU D 155 8.52 -13.82 -17.68
C LEU D 155 8.54 -13.42 -16.21
N LEU D 156 9.54 -12.62 -15.84
CA LEU D 156 9.71 -12.15 -14.46
C LEU D 156 9.71 -10.63 -14.46
N ASP D 157 9.02 -10.04 -13.49
CA ASP D 157 8.84 -8.59 -13.43
C ASP D 157 9.34 -8.12 -12.06
N GLN D 158 10.59 -7.68 -12.01
CA GLN D 158 11.23 -7.16 -10.80
C GLN D 158 10.96 -8.08 -9.61
N SER D 159 11.37 -9.34 -9.77
CA SER D 159 10.94 -10.37 -8.84
C SER D 159 11.55 -10.19 -7.45
N LEU D 160 12.83 -9.85 -7.38
CA LEU D 160 13.57 -9.82 -6.13
C LEU D 160 13.84 -8.41 -5.64
N SER D 161 12.93 -7.46 -5.92
CA SER D 161 13.18 -6.07 -5.61
C SER D 161 12.94 -5.74 -4.14
N ALA D 162 12.02 -6.45 -3.49
CA ALA D 162 11.60 -6.13 -2.14
C ALA D 162 12.40 -6.86 -1.06
N LEU D 163 13.35 -7.70 -1.42
CA LEU D 163 14.08 -8.48 -0.44
C LEU D 163 15.32 -7.74 0.04
N ASP D 164 15.97 -8.32 1.05
CA ASP D 164 17.18 -7.75 1.62
C ASP D 164 18.38 -8.06 0.72
N TYR D 165 19.57 -7.70 1.19
CA TYR D 165 20.74 -7.73 0.34
C TYR D 165 21.42 -9.09 0.28
N LYS D 166 21.32 -9.92 1.32
CA LYS D 166 21.96 -11.23 1.28
C LYS D 166 21.06 -12.27 0.62
N LEU D 167 19.77 -12.24 0.92
CA LEU D 167 18.83 -13.12 0.24
C LEU D 167 18.81 -12.86 -1.26
N ARG D 168 18.95 -11.60 -1.66
CA ARG D 168 19.01 -11.28 -3.09
C ARG D 168 20.20 -11.96 -3.75
N LYS D 169 21.37 -11.86 -3.12
CA LYS D 169 22.58 -12.46 -3.68
C LYS D 169 22.46 -13.97 -3.74
N GLN D 170 21.78 -14.59 -2.77
CA GLN D 170 21.58 -16.04 -2.83
C GLN D 170 20.62 -16.43 -3.95
N MET D 171 19.48 -15.75 -4.03
CA MET D 171 18.47 -16.15 -5.02
C MET D 171 18.86 -15.81 -6.45
N GLN D 172 19.78 -14.86 -6.66
CA GLN D 172 20.27 -14.65 -8.02
C GLN D 172 20.95 -15.91 -8.56
N ASN D 173 21.88 -16.47 -7.78
CA ASN D 173 22.52 -17.71 -8.17
C ASN D 173 21.51 -18.86 -8.25
N GLU D 174 20.55 -18.88 -7.32
CA GLU D 174 19.55 -19.95 -7.36
C GLU D 174 18.76 -19.93 -8.67
N LEU D 175 18.30 -18.75 -9.10
CA LEU D 175 17.56 -18.65 -10.36
C LEU D 175 18.45 -18.98 -11.55
N LYS D 176 19.71 -18.53 -11.53
CA LYS D 176 20.61 -18.83 -12.64
C LYS D 176 20.84 -20.34 -12.77
N ALA D 177 20.86 -21.07 -11.65
CA ALA D 177 20.98 -22.52 -11.73
C ALA D 177 19.66 -23.17 -12.17
N LEU D 178 18.54 -22.65 -11.71
CA LEU D 178 17.24 -23.22 -12.07
C LEU D 178 17.01 -23.11 -13.57
N GLN D 179 17.45 -22.02 -14.19
CA GLN D 179 17.26 -21.86 -15.63
C GLN D 179 17.97 -22.97 -16.39
N ARG D 180 19.21 -23.27 -16.02
CA ARG D 180 19.94 -24.35 -16.68
C ARG D 180 19.28 -25.69 -16.41
N LYS D 181 18.77 -25.89 -15.19
CA LYS D 181 18.13 -27.16 -14.86
C LYS D 181 16.89 -27.39 -15.71
N LEU D 182 16.06 -26.35 -15.90
CA LEU D 182 14.81 -26.53 -16.64
C LEU D 182 15.05 -26.57 -18.15
N GLY D 183 15.78 -25.59 -18.68
CA GLY D 183 16.08 -25.55 -20.10
C GLY D 183 15.21 -24.63 -20.92
N ILE D 184 14.53 -23.66 -20.31
CA ILE D 184 13.65 -22.75 -21.02
C ILE D 184 14.19 -21.33 -20.88
N THR D 185 13.66 -20.44 -21.71
CA THR D 185 14.14 -19.07 -21.75
C THR D 185 13.49 -18.23 -20.65
N PHE D 186 14.30 -17.37 -20.03
CA PHE D 186 13.84 -16.45 -19.00
C PHE D 186 13.95 -15.03 -19.54
N VAL D 187 12.94 -14.21 -19.29
CA VAL D 187 12.98 -12.79 -19.60
C VAL D 187 12.74 -12.03 -18.32
N PHE D 188 13.70 -11.18 -17.94
CA PHE D 188 13.73 -10.57 -16.62
C PHE D 188 13.82 -9.06 -16.80
N VAL D 189 12.97 -8.33 -16.10
CA VAL D 189 12.95 -6.87 -16.12
C VAL D 189 13.55 -6.39 -14.81
N THR D 190 14.60 -5.57 -14.89
CA THR D 190 15.33 -5.16 -13.71
C THR D 190 15.73 -3.69 -13.84
N HIS D 191 15.92 -3.06 -12.68
CA HIS D 191 16.42 -1.71 -12.60
C HIS D 191 17.83 -1.63 -12.04
N ASP D 192 18.37 -2.73 -11.52
CA ASP D 192 19.69 -2.74 -10.91
C ASP D 192 20.67 -3.31 -11.93
N GLN D 193 21.78 -2.61 -12.13
CA GLN D 193 22.77 -2.98 -13.12
C GLN D 193 23.64 -4.15 -12.70
N GLU D 194 23.94 -4.27 -11.40
CA GLU D 194 24.76 -5.37 -10.93
C GLU D 194 24.08 -6.72 -11.18
N GLU D 195 22.77 -6.79 -10.95
CA GLU D 195 22.04 -8.03 -11.21
C GLU D 195 22.12 -8.41 -12.68
N ALA D 196 21.92 -7.45 -13.57
CA ALA D 196 22.01 -7.72 -15.00
C ALA D 196 23.39 -8.18 -15.39
N LEU D 197 24.43 -7.60 -14.79
CA LEU D 197 25.78 -8.01 -15.14
C LEU D 197 26.09 -9.42 -14.62
N THR D 198 25.59 -9.78 -13.44
CA THR D 198 25.97 -11.03 -12.82
C THR D 198 25.05 -12.19 -13.15
N MET D 199 23.90 -11.95 -13.76
CA MET D 199 22.90 -12.99 -13.92
C MET D 199 22.52 -13.28 -15.36
N SER D 200 22.90 -12.43 -16.30
CA SER D 200 22.37 -12.46 -17.65
C SER D 200 23.34 -13.12 -18.63
N ASP D 201 22.78 -13.60 -19.73
CA ASP D 201 23.55 -14.04 -20.89
C ASP D 201 23.39 -13.11 -22.08
N ARG D 202 22.47 -12.15 -21.99
CA ARG D 202 22.24 -11.17 -23.05
C ARG D 202 21.43 -10.03 -22.45
N ILE D 203 21.90 -8.81 -22.61
CA ILE D 203 21.27 -7.63 -22.02
C ILE D 203 20.78 -6.72 -23.13
N VAL D 204 19.55 -6.24 -22.98
CA VAL D 204 18.96 -5.27 -23.90
C VAL D 204 18.65 -4.01 -23.10
N VAL D 205 19.23 -2.89 -23.51
CA VAL D 205 19.08 -1.61 -22.81
C VAL D 205 18.05 -0.77 -23.52
N MET D 206 17.06 -0.28 -22.79
CA MET D 206 15.96 0.47 -23.35
C MET D 206 15.89 1.86 -22.72
N ARG D 207 15.51 2.84 -23.54
CA ARG D 207 15.33 4.21 -23.07
C ARG D 207 14.24 4.86 -23.92
N ASP D 208 13.18 5.33 -23.26
CA ASP D 208 12.05 5.98 -23.93
C ASP D 208 11.43 5.08 -24.99
N GLY D 209 11.36 3.78 -24.70
CA GLY D 209 10.75 2.83 -25.61
C GLY D 209 11.57 2.45 -26.81
N ARG D 210 12.87 2.70 -26.79
CA ARG D 210 13.75 2.38 -27.92
C ARG D 210 14.95 1.59 -27.44
N ILE D 211 15.48 0.75 -28.32
CA ILE D 211 16.63 -0.08 -28.01
C ILE D 211 17.90 0.71 -28.25
N GLU D 212 18.77 0.76 -27.24
CA GLU D 212 20.05 1.45 -27.35
C GLU D 212 21.20 0.50 -27.66
N GLN D 213 21.23 -0.67 -27.02
CA GLN D 213 22.28 -1.64 -27.29
C GLN D 213 21.78 -3.04 -26.93
N ASP D 214 22.44 -4.05 -27.49
CA ASP D 214 22.10 -5.43 -27.21
C ASP D 214 23.35 -6.28 -27.38
N GLY D 215 23.74 -7.00 -26.35
CA GLY D 215 24.91 -7.85 -26.45
C GLY D 215 25.24 -8.52 -25.14
N THR D 216 26.39 -9.18 -25.13
CA THR D 216 26.89 -9.88 -23.96
C THR D 216 27.16 -8.88 -22.84
N PRO D 217 27.04 -9.30 -21.57
CA PRO D 217 27.39 -8.39 -20.47
C PRO D 217 28.76 -7.77 -20.58
N ARG D 218 29.73 -8.49 -21.16
CA ARG D 218 31.04 -7.92 -21.39
C ARG D 218 30.98 -6.73 -22.34
N GLU D 219 30.19 -6.85 -23.42
CA GLU D 219 30.18 -5.81 -24.45
C GLU D 219 29.64 -4.50 -23.92
N ILE D 220 28.59 -4.54 -23.10
CA ILE D 220 27.97 -3.31 -22.63
C ILE D 220 28.92 -2.54 -21.71
N TYR D 221 29.58 -3.24 -20.79
CA TYR D 221 30.47 -2.55 -19.86
C TYR D 221 31.77 -2.12 -20.53
N GLU D 222 32.33 -2.95 -21.41
CA GLU D 222 33.63 -2.65 -21.97
C GLU D 222 33.57 -1.85 -23.26
N GLU D 223 32.56 -2.05 -24.09
CA GLU D 223 32.44 -1.37 -25.39
C GLU D 223 31.06 -0.74 -25.52
N PRO D 224 30.83 0.39 -24.86
CA PRO D 224 29.56 1.10 -25.07
C PRO D 224 29.45 1.65 -26.48
N LYS D 225 28.22 1.80 -26.94
CA LYS D 225 27.96 2.26 -28.30
C LYS D 225 27.82 3.77 -28.37
N ASN D 226 27.03 4.38 -27.49
CA ASN D 226 26.82 5.82 -27.49
C ASN D 226 27.16 6.35 -26.10
N LEU D 227 26.93 7.65 -25.89
CA LEU D 227 27.26 8.26 -24.63
C LEU D 227 26.26 7.96 -23.53
N PHE D 228 25.06 7.50 -23.89
CA PHE D 228 24.06 7.19 -22.86
C PHE D 228 24.38 5.88 -22.14
N VAL D 229 24.73 4.82 -22.89
CA VAL D 229 24.98 3.54 -22.25
C VAL D 229 26.15 3.60 -21.29
N ALA D 230 27.25 4.22 -21.69
CA ALA D 230 28.27 4.59 -20.73
C ALA D 230 27.73 5.68 -19.82
N GLY D 231 28.03 5.58 -18.53
CA GLY D 231 27.44 6.49 -17.58
C GLY D 231 26.11 6.05 -17.02
N PHE D 232 25.44 5.09 -17.65
CA PHE D 232 24.32 4.38 -17.06
C PHE D 232 24.78 3.08 -16.42
N ILE D 233 25.62 2.33 -17.12
CA ILE D 233 26.29 1.16 -16.56
C ILE D 233 27.60 1.65 -15.97
N GLY D 234 27.60 1.99 -14.69
CA GLY D 234 28.81 2.45 -14.03
C GLY D 234 29.09 3.91 -14.29
N GLU D 235 30.27 4.33 -13.84
CA GLU D 235 30.69 5.72 -13.93
C GLU D 235 31.70 5.89 -15.06
N ILE D 236 31.64 7.05 -15.73
CA ILE D 236 32.46 7.33 -16.90
C ILE D 236 33.08 8.72 -16.77
N ASN D 237 34.16 8.93 -17.52
CA ASN D 237 34.85 10.21 -17.61
C ASN D 237 34.99 10.57 -19.07
N MET D 238 34.32 11.64 -19.49
CA MET D 238 34.30 12.05 -20.88
C MET D 238 35.32 13.15 -21.07
N PHE D 239 36.32 12.89 -21.91
CA PHE D 239 37.35 13.86 -22.24
C PHE D 239 37.22 14.25 -23.70
N ASN D 240 37.35 15.55 -23.97
CA ASN D 240 37.31 16.05 -25.33
C ASN D 240 38.69 15.98 -25.95
N ALA D 241 38.73 15.76 -27.27
CA ALA D 241 39.99 15.62 -27.98
C ALA D 241 39.81 16.09 -29.41
N THR D 242 40.93 16.41 -30.04
CA THR D 242 40.96 16.83 -31.44
C THR D 242 42.03 16.03 -32.18
N VAL D 243 41.65 15.43 -33.30
CA VAL D 243 42.55 14.58 -34.06
C VAL D 243 43.51 15.44 -34.87
N ILE D 244 44.77 15.01 -34.94
CA ILE D 244 45.79 15.74 -35.66
C ILE D 244 46.23 14.98 -36.90
N GLU D 245 46.79 13.79 -36.71
CA GLU D 245 47.28 12.99 -37.82
C GLU D 245 47.18 11.52 -37.46
N ARG D 246 47.14 10.69 -38.48
CA ARG D 246 47.00 9.24 -38.31
C ARG D 246 48.38 8.59 -38.42
N LEU D 247 48.92 8.18 -37.27
CA LEU D 247 50.26 7.60 -37.26
C LEU D 247 50.32 6.29 -38.02
N ASP D 248 49.33 5.41 -37.81
CA ASP D 248 49.29 4.12 -38.48
C ASP D 248 47.85 3.62 -38.47
N GLU D 249 47.68 2.34 -38.79
CA GLU D 249 46.35 1.74 -38.85
C GLU D 249 45.68 1.65 -37.49
N GLN D 250 46.42 1.79 -36.40
CA GLN D 250 45.87 1.61 -35.06
C GLN D 250 45.93 2.86 -34.20
N ARG D 251 47.06 3.55 -34.17
CA ARG D 251 47.27 4.67 -33.27
C ARG D 251 47.13 5.99 -34.01
N VAL D 252 46.46 6.95 -33.38
CA VAL D 252 46.24 8.28 -33.93
C VAL D 252 46.64 9.32 -32.90
N ARG D 253 47.41 10.31 -33.32
CA ARG D 253 47.83 11.40 -32.44
C ARG D 253 46.69 12.40 -32.30
N ALA D 254 46.51 12.90 -31.08
CA ALA D 254 45.41 13.82 -30.79
C ALA D 254 45.80 14.74 -29.64
N ASN D 255 45.07 15.83 -29.52
CA ASN D 255 45.27 16.83 -28.48
C ASN D 255 44.15 16.69 -27.46
N VAL D 256 44.48 16.14 -26.29
CA VAL D 256 43.49 15.89 -25.25
C VAL D 256 43.62 16.95 -24.17
N GLU D 257 42.56 17.74 -24.00
CA GLU D 257 42.49 18.77 -22.95
C GLU D 257 43.73 19.66 -22.95
N GLY D 258 44.16 20.05 -24.15
CA GLY D 258 45.29 20.94 -24.28
C GLY D 258 46.65 20.28 -24.24
N ARG D 259 46.72 18.96 -24.15
CA ARG D 259 47.98 18.24 -24.15
C ARG D 259 47.90 17.10 -25.16
N GLU D 260 49.08 16.66 -25.61
CA GLU D 260 49.18 15.67 -26.68
C GLU D 260 49.35 14.26 -26.11
N CYS D 261 48.72 13.30 -26.76
CA CYS D 261 48.85 11.90 -26.40
C CYS D 261 48.50 11.05 -27.62
N ASN D 262 48.85 9.77 -27.54
CA ASN D 262 48.59 8.80 -28.59
C ASN D 262 47.42 7.91 -28.18
N ILE D 263 46.41 7.83 -29.03
CA ILE D 263 45.21 7.07 -28.72
C ILE D 263 44.93 6.07 -29.84
N TYR D 264 44.15 5.05 -29.50
CA TYR D 264 43.81 3.96 -30.41
C TYR D 264 42.45 4.23 -31.02
N VAL D 265 42.39 4.34 -32.35
CA VAL D 265 41.15 4.58 -33.06
C VAL D 265 41.01 3.52 -34.15
N ASN D 266 39.81 2.92 -34.25
CA ASN D 266 39.56 1.80 -35.14
C ASN D 266 38.61 2.16 -36.28
N PHE D 267 38.63 3.40 -36.75
CA PHE D 267 37.83 3.80 -37.91
C PHE D 267 38.47 5.02 -38.56
N ALA D 268 37.97 5.36 -39.75
CA ALA D 268 38.56 6.43 -40.54
C ALA D 268 38.29 7.78 -39.91
N VAL D 269 39.34 8.60 -39.82
CA VAL D 269 39.25 9.94 -39.25
C VAL D 269 40.01 10.91 -40.16
N GLU D 270 39.64 12.18 -40.05
CA GLU D 270 40.33 13.25 -40.78
C GLU D 270 40.68 14.37 -39.82
N PRO D 271 41.83 15.01 -40.03
CA PRO D 271 42.25 16.09 -39.12
C PRO D 271 41.17 17.15 -38.95
N GLY D 272 40.97 17.56 -37.70
CA GLY D 272 39.94 18.52 -37.35
C GLY D 272 38.67 17.95 -36.79
N GLN D 273 38.45 16.63 -36.92
CA GLN D 273 37.25 16.02 -36.37
C GLN D 273 37.31 16.00 -34.84
N LYS D 274 36.13 16.06 -34.22
CA LYS D 274 36.03 16.05 -32.76
C LYS D 274 35.76 14.64 -32.27
N LEU D 275 36.45 14.25 -31.20
CA LEU D 275 36.39 12.89 -30.67
C LEU D 275 36.06 12.94 -29.19
N HIS D 276 35.50 11.85 -28.70
CA HIS D 276 35.21 11.65 -27.29
C HIS D 276 36.04 10.49 -26.77
N VAL D 277 36.77 10.73 -25.68
CA VAL D 277 37.60 9.70 -25.05
C VAL D 277 37.01 9.39 -23.69
N LEU D 278 36.67 8.13 -23.46
CA LEU D 278 36.02 7.69 -22.23
C LEU D 278 36.94 6.74 -21.47
N LEU D 279 37.05 6.96 -20.16
CA LEU D 279 37.89 6.15 -19.29
C LEU D 279 37.15 5.88 -17.99
N ARG D 280 37.19 4.64 -17.55
CA ARG D 280 36.58 4.28 -16.28
C ARG D 280 37.39 4.87 -15.12
N PRO D 281 36.73 5.16 -14.00
CA PRO D 281 37.45 5.73 -12.86
C PRO D 281 38.57 4.85 -12.33
N GLU D 282 38.41 3.53 -12.36
CA GLU D 282 39.39 2.62 -11.81
C GLU D 282 40.54 2.33 -12.77
N ASP D 283 40.49 2.83 -13.99
CA ASP D 283 41.57 2.68 -14.95
C ASP D 283 42.53 3.86 -14.96
N LEU D 284 42.29 4.87 -14.12
CA LEU D 284 43.13 6.06 -14.06
C LEU D 284 44.05 5.99 -12.86
N ARG D 285 45.28 6.44 -13.04
CA ARG D 285 46.31 6.41 -12.01
C ARG D 285 46.78 7.83 -11.74
N VAL D 286 46.74 8.22 -10.47
CA VAL D 286 47.32 9.49 -10.02
C VAL D 286 48.71 9.13 -9.49
N GLU D 287 49.72 9.25 -10.34
CA GLU D 287 51.05 8.78 -10.02
C GLU D 287 51.80 9.88 -9.28
N GLU D 288 53.10 9.66 -9.08
CA GLU D 288 53.92 10.58 -8.31
C GLU D 288 54.03 11.93 -9.02
N ILE D 289 54.74 12.85 -8.38
CA ILE D 289 54.90 14.20 -8.92
C ILE D 289 55.50 14.15 -10.32
N ASN D 290 55.28 15.22 -11.07
CA ASN D 290 55.73 15.30 -12.45
C ASN D 290 57.24 15.09 -12.55
N ASP D 291 57.65 13.99 -13.17
CA ASP D 291 59.06 13.68 -13.37
C ASP D 291 59.41 13.92 -14.84
N ASP D 292 60.51 14.63 -15.07
CA ASP D 292 60.90 14.97 -16.43
C ASP D 292 61.20 13.71 -17.24
N ASN D 293 60.65 13.67 -18.46
CA ASN D 293 60.84 12.58 -19.41
C ASN D 293 60.36 11.23 -18.85
N HIS D 294 59.49 11.24 -17.85
CA HIS D 294 58.97 10.01 -17.27
C HIS D 294 57.46 9.88 -17.43
N ALA D 295 56.69 10.88 -17.01
CA ALA D 295 55.25 10.84 -17.08
C ALA D 295 54.73 12.15 -17.64
N GLU D 296 53.83 12.06 -18.62
CA GLU D 296 53.27 13.24 -19.27
C GLU D 296 51.82 12.95 -19.66
N GLY D 297 51.08 14.02 -19.93
CA GLY D 297 49.75 13.90 -20.49
C GLY D 297 48.68 14.75 -19.83
N LEU D 298 48.68 14.82 -18.50
CA LEU D 298 47.67 15.61 -17.80
C LEU D 298 48.28 16.20 -16.54
N ILE D 299 47.69 17.31 -16.08
CA ILE D 299 48.13 18.03 -14.90
C ILE D 299 46.90 18.42 -14.08
N GLY D 300 46.95 18.15 -12.78
CA GLY D 300 45.81 18.46 -11.93
C GLY D 300 46.15 18.34 -10.46
N TYR D 301 45.21 18.80 -9.63
CA TYR D 301 45.35 18.81 -8.19
C TYR D 301 44.27 17.93 -7.56
N VAL D 302 44.59 17.36 -6.39
CA VAL D 302 43.74 16.34 -5.81
C VAL D 302 42.40 16.92 -5.34
N ARG D 303 42.46 17.87 -4.40
CA ARG D 303 41.30 18.67 -4.00
C ARG D 303 40.28 17.91 -3.17
N GLU D 304 40.43 16.59 -3.04
CA GLU D 304 39.54 15.80 -2.20
C GLU D 304 39.94 14.33 -2.12
N ARG D 305 39.58 13.67 -1.02
CA ARG D 305 39.77 12.23 -0.85
C ARG D 305 38.62 11.70 -0.01
N ASN D 306 37.76 10.89 -0.61
CA ASN D 306 36.59 10.34 0.05
C ASN D 306 36.80 8.87 0.38
N TYR D 307 36.45 8.49 1.60
CA TYR D 307 36.61 7.13 2.09
C TYR D 307 35.25 6.44 2.07
N LYS D 308 35.18 5.29 1.41
CA LYS D 308 33.93 4.57 1.23
C LYS D 308 34.00 3.13 1.71
N GLY D 309 34.98 2.78 2.53
CA GLY D 309 35.10 1.42 2.99
C GLY D 309 36.15 0.63 2.24
N MET D 310 35.71 -0.20 1.30
CA MET D 310 36.65 -0.98 0.49
C MET D 310 37.51 -0.07 -0.38
N THR D 311 36.92 0.95 -0.99
CA THR D 311 37.59 1.77 -1.98
C THR D 311 37.73 3.20 -1.48
N LEU D 312 38.51 3.98 -2.22
CA LEU D 312 38.72 5.40 -1.95
C LEU D 312 38.56 6.17 -3.24
N GLU D 313 37.70 7.18 -3.24
CA GLU D 313 37.44 8.00 -4.42
C GLU D 313 38.04 9.38 -4.23
N SER D 314 38.85 9.81 -5.20
CA SER D 314 39.48 11.11 -5.19
C SER D 314 38.97 11.90 -6.39
N VAL D 315 38.40 13.08 -6.13
CA VAL D 315 37.89 13.90 -7.22
C VAL D 315 38.86 15.04 -7.50
N VAL D 316 39.72 14.84 -8.48
CA VAL D 316 40.80 15.77 -8.78
C VAL D 316 40.30 16.83 -9.74
N GLU D 317 40.98 17.98 -9.73
CA GLU D 317 40.63 19.12 -10.56
C GLU D 317 41.81 19.43 -11.48
N LEU D 318 41.54 19.52 -12.77
CA LEU D 318 42.59 19.74 -13.75
C LEU D 318 43.01 21.21 -13.77
N GLU D 319 43.80 21.57 -14.77
CA GLU D 319 44.17 22.98 -14.96
C GLU D 319 43.04 23.77 -15.60
N ASN D 320 42.10 23.10 -16.29
CA ASN D 320 41.09 23.82 -17.06
C ASN D 320 39.80 24.06 -16.27
N GLY D 321 39.50 23.23 -15.27
CA GLY D 321 38.26 23.40 -14.54
C GLY D 321 37.32 22.21 -14.60
N LYS D 322 37.88 21.01 -14.72
CA LYS D 322 37.09 19.79 -14.90
C LYS D 322 37.44 18.75 -13.85
N MET D 323 36.43 18.01 -13.40
CA MET D 323 36.62 16.92 -12.45
C MET D 323 36.95 15.62 -13.18
N VAL D 324 37.65 14.71 -12.49
CA VAL D 324 38.11 13.49 -13.13
C VAL D 324 37.67 12.25 -12.37
N MET D 325 37.54 12.34 -11.04
CA MET D 325 36.95 11.29 -10.22
C MET D 325 37.69 9.96 -10.37
N VAL D 326 38.91 9.94 -9.86
CA VAL D 326 39.72 8.71 -9.83
C VAL D 326 39.24 7.80 -8.70
N SER D 327 39.36 6.49 -8.91
CA SER D 327 38.96 5.49 -7.93
C SER D 327 40.06 4.44 -7.81
N GLU D 328 40.17 3.83 -6.62
CA GLU D 328 41.24 2.91 -6.31
C GLU D 328 40.94 2.22 -4.98
N PHE D 329 41.70 1.18 -4.68
CA PHE D 329 41.54 0.41 -3.45
C PHE D 329 42.21 1.12 -2.29
N PHE D 330 41.75 0.82 -1.08
CA PHE D 330 42.27 1.44 0.14
C PHE D 330 43.11 0.41 0.89
N ASN D 331 44.43 0.57 0.81
CA ASN D 331 45.37 -0.24 1.58
C ASN D 331 45.97 0.66 2.64
N GLU D 332 45.54 0.45 3.89
CA GLU D 332 45.97 1.31 4.99
C GLU D 332 47.27 0.84 5.63
N ASP D 333 47.46 -0.47 5.74
CA ASP D 333 48.63 -1.01 6.43
C ASP D 333 49.83 -1.09 5.51
N ASP D 334 49.80 -0.36 4.40
CA ASP D 334 50.89 -0.36 3.43
C ASP D 334 51.67 0.93 3.58
N PRO D 335 52.94 0.88 4.01
CA PRO D 335 53.63 2.10 4.43
C PRO D 335 54.19 2.93 3.29
N ASP D 336 53.45 3.05 2.19
CA ASP D 336 53.80 4.05 1.19
C ASP D 336 52.56 4.69 0.56
N PHE D 337 51.36 4.46 1.10
CA PHE D 337 50.17 5.09 0.57
C PHE D 337 50.25 6.60 0.71
N ASP D 338 49.72 7.30 -0.29
CA ASP D 338 49.82 8.75 -0.37
C ASP D 338 48.56 9.40 0.18
N HIS D 339 48.74 10.34 1.10
CA HIS D 339 47.64 11.11 1.69
C HIS D 339 47.74 12.58 1.32
N SER D 340 48.43 12.90 0.23
CA SER D 340 48.59 14.27 -0.22
C SER D 340 47.23 14.87 -0.59
N LEU D 341 47.12 16.19 -0.47
CA LEU D 341 45.82 16.84 -0.61
C LEU D 341 45.72 17.90 -1.69
N ASP D 342 46.68 18.83 -1.82
CA ASP D 342 46.42 19.95 -2.71
C ASP D 342 47.64 20.39 -3.52
N GLN D 343 48.63 19.54 -3.73
CA GLN D 343 49.78 19.90 -4.52
C GLN D 343 49.66 19.40 -5.96
N LYS D 344 50.65 19.77 -6.77
CA LYS D 344 50.67 19.39 -8.18
C LYS D 344 50.75 17.88 -8.32
N MET D 345 49.86 17.31 -9.12
CA MET D 345 49.79 15.87 -9.31
C MET D 345 49.72 15.55 -10.79
N ALA D 346 49.95 14.28 -11.12
CA ALA D 346 49.95 13.81 -12.49
C ALA D 346 48.86 12.77 -12.70
N ILE D 347 48.27 12.77 -13.89
CA ILE D 347 47.23 11.83 -14.27
C ILE D 347 47.69 11.07 -15.51
N ASN D 348 47.65 9.75 -15.44
CA ASN D 348 48.09 8.89 -16.53
C ASN D 348 47.16 7.71 -16.72
N TRP D 349 47.32 7.05 -17.86
CA TRP D 349 46.70 5.75 -18.11
C TRP D 349 47.66 4.94 -18.97
N VAL D 350 47.19 3.81 -19.48
CA VAL D 350 48.08 2.77 -19.97
C VAL D 350 48.18 2.79 -21.50
N GLU D 351 48.02 3.97 -22.10
CA GLU D 351 48.25 4.16 -23.54
C GLU D 351 47.17 3.43 -24.36
N SER D 352 46.30 2.74 -23.64
CA SER D 352 45.18 1.99 -24.19
C SER D 352 44.13 1.96 -23.09
N TRP D 353 43.23 0.99 -23.13
CA TRP D 353 42.18 0.84 -22.11
C TRP D 353 41.18 1.99 -22.21
N GLU D 354 41.09 2.58 -23.39
CA GLU D 354 40.24 3.74 -23.62
C GLU D 354 39.25 3.44 -24.74
N VAL D 355 38.08 4.05 -24.64
CA VAL D 355 37.02 3.90 -25.63
C VAL D 355 36.86 5.23 -26.34
N VAL D 356 37.04 5.23 -27.65
CA VAL D 356 36.95 6.45 -28.46
C VAL D 356 35.67 6.40 -29.28
N LEU D 357 34.89 7.47 -29.22
CA LEU D 357 33.61 7.57 -29.91
C LEU D 357 33.65 8.74 -30.89
N ALA D 358 32.95 8.60 -32.00
CA ALA D 358 32.93 9.62 -33.04
C ALA D 358 31.91 10.71 -32.72
#